data_9IZP
#
_entry.id   9IZP
#
_cell.length_a   1.00
_cell.length_b   1.00
_cell.length_c   1.00
_cell.angle_alpha   90.00
_cell.angle_beta   90.00
_cell.angle_gamma   90.00
#
_symmetry.space_group_name_H-M   'P 1'
#
loop_
_entity.id
_entity.type
_entity.pdbx_description
1 polymer 'Cas Lambda2'
2 polymer 'RNA (58-MER)'
3 polymer 'DNA (40-MER)'
4 polymer 'DNA (40-MER)'
5 non-polymer 'MAGNESIUM ION'
#
loop_
_entity_poly.entity_id
_entity_poly.type
_entity_poly.pdbx_seq_one_letter_code
_entity_poly.pdbx_strand_id
1 'polypeptide(L)'
;MGHHHHHHGGMKKSIKFKVKGNCPITKDVINEYKEYYNKCSDWIKNNLTSITIGEMAKFLQETLGKDVAYISMGLSDEWK
DKPLYHLFTKKYHTNNADNLLYYYIKEKNLDGYKGNTLNIGNTFFRQFGYFKLVVSNYRTKIRTLNCEIKRKKIDADSTS
EDIEMQTMYEIIKHNLNKKTDWDEFISYIENVENPNIDNINRYKLLRKCFCENENMIKNKLELLSIEQLKNFGGCIMKQH
INSMTLIIQHFKIEEKENSLGFILNLPLNKKQYQIELWGNRQVNKGTKERDAFLNTYGENIVFIINNDELYVVFSYEYEL
EKEEANFVKTVGLDVNFKHAFFVTSEKDNCHLDGYINLYKYLLEHDEFTNLLTNDEKKDYEELSKVVTFCPFENQLLFAR
YNKMSKFCKKEQVLSKLLYALQKQLKDENRTKEYIYVSCVNKLRAKYVSYFILKEKYYEKQKEYDIEMGFVDDSTESKES
MDKRRTEFPFRNTPVANELLSKLNNVQQDINGCLKNIINYIYKIFEQNGYKIVALENLENSNFEKKQVLPTIKSLLKYHK
LENQNVNDIKASDKVKEYIENGYYELITNENNEIVDAKYTEKGAMKVKNANFFNLMMKSLHFASVKDEFVLLSNNGKTQI
ALVPSEFTSQMDSTDHCLYMKKNDKGKLVKADKKEVRTKQEKHINGLNADFNAANNIKYIVENEVWREIFCTRPKKAEYN
VPSLDTTKKGPSAILHMLKKIEAIKILETEK
;
A
2 'polyribonucleotide' GGCUUGUUGUAUAUAUUCUUUUAUAGGUAUUAAACAACGGAGAUGAGGUGCGCGUGGC B
3 'polydeoxyribonucleotide'
;(DT)(DG)(DT)(DC)(DT)(DA)(DT)(DT)(DT)(DA)(DG)(DG)(DA)(DG)(DA)(DT)(DG)(DA)(DG)(DG)
(DT)(DG)(DC)(DG)(DC)(DG)(DT)(DG)(GS)(SC)(AS)(SC)(SC)(AS)(PST)(SC)(AS)(PST)(AS)
(PST)
;
C
4 'polydeoxyribonucleotide'
;(AS)(PST)(AS)(PST)(GS)(AS)(PST)(GS)(GS)(PST)(GS)(SC)(DC)(DA)(DC)(DG)(DC)(DG)(DC)
(DA)(DC)(DC)(DT)(DC)(DA)(DT)(DC)(DT)(DC)(DC)(DT)(DA)(DA)(DA)(DT)(DA)(DG)(DA)(DC)
(DA)
;
D
#
loop_
_chem_comp.id
_chem_comp.type
_chem_comp.name
_chem_comp.formula
A RNA linking ADENOSINE-5'-MONOPHOSPHATE 'C10 H14 N5 O7 P'
AS DNA linking '2-DEOXY-ADENOSINE -5'-THIO-MONOPHOSPHATE' 'C10 H14 N5 O5 P S'
C RNA linking CYTIDINE-5'-MONOPHOSPHATE 'C9 H14 N3 O8 P'
DA DNA linking 2'-DEOXYADENOSINE-5'-MONOPHOSPHATE 'C10 H14 N5 O6 P'
DC DNA linking 2'-DEOXYCYTIDINE-5'-MONOPHOSPHATE 'C9 H14 N3 O7 P'
DG DNA linking 2'-DEOXYGUANOSINE-5'-MONOPHOSPHATE 'C10 H14 N5 O7 P'
DT DNA linking THYMIDINE-5'-MONOPHOSPHATE 'C10 H15 N2 O8 P'
G RNA linking GUANOSINE-5'-MONOPHOSPHATE 'C10 H14 N5 O8 P'
GS DNA linking GUANOSINE-5'-THIO-MONOPHOSPHATE 'C10 H14 N5 O6 P S'
MG non-polymer 'MAGNESIUM ION' 'Mg 2'
PST DNA linking THYMIDINE-5'-THIOPHOSPHATE 'C10 H15 N2 O7 P S'
SC DNA linking 2-DEOXY-CYTIDINE-5'-THIOPHOSPHORATE 'C9 H14 N3 O6 P S'
U RNA linking URIDINE-5'-MONOPHOSPHATE 'C9 H13 N2 O9 P'
#
# COMPACT_ATOMS: atom_id res chain seq x y z
N MET A 11 16.29 1.20 -15.01
CA MET A 11 15.39 2.16 -15.64
C MET A 11 15.41 3.49 -14.89
N LYS A 12 14.23 4.05 -14.67
CA LYS A 12 14.13 5.33 -13.98
C LYS A 12 14.41 5.18 -12.49
N LYS A 13 14.87 6.27 -11.89
CA LYS A 13 15.15 6.33 -10.46
C LYS A 13 14.86 7.75 -10.00
N SER A 14 14.70 7.88 -8.68
CA SER A 14 14.38 9.16 -8.07
C SER A 14 15.42 9.51 -7.02
N ILE A 15 15.57 10.80 -6.77
CA ILE A 15 16.31 11.28 -5.62
C ILE A 15 15.66 12.57 -5.15
N LYS A 16 15.54 12.71 -3.84
CA LYS A 16 14.88 13.85 -3.23
C LYS A 16 15.91 14.76 -2.58
N PHE A 17 15.73 16.06 -2.78
CA PHE A 17 16.60 17.09 -2.23
C PHE A 17 15.79 17.98 -1.31
N LYS A 18 16.48 18.63 -0.37
CA LYS A 18 15.86 19.62 0.49
C LYS A 18 16.35 21.00 0.09
N VAL A 19 15.42 21.94 -0.08
CA VAL A 19 15.82 23.30 -0.42
C VAL A 19 16.39 23.97 0.82
N LYS A 20 17.37 24.84 0.60
CA LYS A 20 18.03 25.58 1.67
C LYS A 20 17.67 27.04 1.51
N GLY A 21 17.08 27.62 2.54
CA GLY A 21 16.65 28.99 2.52
C GLY A 21 15.16 29.12 2.27
N ASN A 22 14.77 30.28 1.78
CA ASN A 22 13.37 30.61 1.54
C ASN A 22 13.10 30.57 0.04
N CYS A 23 12.14 29.75 -0.35
CA CYS A 23 11.72 29.52 -1.72
C CYS A 23 10.28 30.03 -1.91
N PRO A 24 9.97 30.64 -3.06
CA PRO A 24 8.60 31.12 -3.27
C PRO A 24 7.56 30.03 -3.29
N ILE A 25 7.96 28.78 -3.48
CA ILE A 25 7.02 27.65 -3.54
C ILE A 25 6.58 27.34 -2.11
N THR A 26 5.41 27.83 -1.75
CA THR A 26 4.80 27.61 -0.44
C THR A 26 3.64 26.64 -0.59
N LYS A 27 2.92 26.43 0.51
CA LYS A 27 1.76 25.53 0.46
C LYS A 27 0.62 26.13 -0.35
N ASP A 28 0.58 27.45 -0.53
CA ASP A 28 -0.48 28.07 -1.31
C ASP A 28 -0.33 27.75 -2.80
N VAL A 29 0.91 27.70 -3.30
CA VAL A 29 1.15 27.28 -4.68
C VAL A 29 0.60 25.88 -4.91
N ILE A 30 0.89 24.98 -3.98
CA ILE A 30 0.45 23.60 -4.11
C ILE A 30 -1.07 23.50 -3.97
N ASN A 31 -1.66 24.31 -3.10
CA ASN A 31 -3.12 24.32 -2.98
C ASN A 31 -3.78 24.76 -4.29
N GLU A 32 -3.23 25.80 -4.92
CA GLU A 32 -3.77 26.23 -6.21
C GLU A 32 -3.65 25.14 -7.25
N TYR A 33 -2.49 24.47 -7.29
CA TYR A 33 -2.29 23.33 -8.18
C TYR A 33 -3.37 22.28 -7.98
N LYS A 34 -3.63 21.93 -6.72
CA LYS A 34 -4.58 20.86 -6.43
C LYS A 34 -6.01 21.27 -6.73
N GLU A 35 -6.35 22.54 -6.50
CA GLU A 35 -7.69 23.01 -6.86
C GLU A 35 -7.91 22.90 -8.37
N TYR A 36 -6.91 23.29 -9.16
CA TYR A 36 -7.06 23.15 -10.61
C TYR A 36 -7.15 21.68 -11.00
N TYR A 37 -6.36 20.81 -10.35
CA TYR A 37 -6.48 19.38 -10.60
C TYR A 37 -7.91 18.89 -10.39
N ASN A 38 -8.49 19.27 -9.26
CA ASN A 38 -9.82 18.76 -8.93
C ASN A 38 -10.89 19.31 -9.87
N LYS A 39 -10.80 20.60 -10.25
CA LYS A 39 -11.77 21.14 -11.21
C LYS A 39 -11.70 20.40 -12.55
N CYS A 40 -10.47 20.21 -13.05
CA CYS A 40 -10.32 19.50 -14.32
C CYS A 40 -10.87 18.09 -14.23
N SER A 41 -10.58 17.40 -13.13
CA SER A 41 -11.07 16.03 -12.97
C SER A 41 -12.58 16.00 -12.84
N ASP A 42 -13.19 17.02 -12.22
CA ASP A 42 -14.64 17.07 -12.14
C ASP A 42 -15.27 17.15 -13.52
N TRP A 43 -14.74 18.05 -14.37
CA TRP A 43 -15.28 18.14 -15.73
C TRP A 43 -15.08 16.83 -16.49
N ILE A 44 -13.87 16.25 -16.40
CA ILE A 44 -13.59 15.03 -17.13
C ILE A 44 -14.54 13.92 -16.69
N LYS A 45 -14.77 13.79 -15.38
CA LYS A 45 -15.68 12.78 -14.88
C LYS A 45 -17.10 13.01 -15.40
N ASN A 46 -17.58 14.26 -15.32
CA ASN A 46 -18.96 14.50 -15.73
C ASN A 46 -19.18 14.39 -17.22
N ASN A 47 -18.12 14.34 -18.04
CA ASN A 47 -18.31 14.20 -19.48
C ASN A 47 -17.69 12.92 -20.04
N LEU A 48 -17.46 11.90 -19.22
CA LEU A 48 -16.83 10.67 -19.71
C LEU A 48 -17.68 9.96 -20.75
N THR A 49 -18.97 10.25 -20.81
CA THR A 49 -19.88 9.62 -21.77
C THR A 49 -20.82 10.61 -22.44
N SER A 50 -20.89 11.85 -21.99
CA SER A 50 -21.82 12.83 -22.53
C SER A 50 -21.32 13.50 -23.81
N ILE A 51 -20.03 13.38 -24.14
CA ILE A 51 -19.48 13.93 -25.37
C ILE A 51 -18.61 12.86 -26.02
N THR A 52 -18.68 12.77 -27.35
CA THR A 52 -17.84 11.87 -28.11
C THR A 52 -16.65 12.64 -28.68
N ILE A 53 -15.63 11.86 -29.10
CA ILE A 53 -14.38 12.45 -29.57
C ILE A 53 -14.59 13.24 -30.85
N GLY A 54 -15.50 12.80 -31.72
CA GLY A 54 -15.72 13.50 -32.97
C GLY A 54 -16.29 14.89 -32.78
N GLU A 55 -17.16 15.07 -31.80
CA GLU A 55 -17.66 16.41 -31.52
C GLU A 55 -16.54 17.34 -31.09
N MET A 56 -15.63 16.84 -30.24
CA MET A 56 -14.49 17.64 -29.80
C MET A 56 -13.60 18.02 -30.98
N ALA A 57 -13.25 17.03 -31.80
CA ALA A 57 -12.36 17.29 -32.93
C ALA A 57 -13.02 18.22 -33.94
N LYS A 58 -14.33 18.07 -34.15
CA LYS A 58 -15.07 18.94 -35.06
C LYS A 58 -15.10 20.37 -34.53
N PHE A 59 -15.30 20.54 -33.23
CA PHE A 59 -15.27 21.89 -32.66
C PHE A 59 -13.89 22.52 -32.82
N LEU A 60 -12.83 21.74 -32.57
CA LEU A 60 -11.49 22.30 -32.72
C LEU A 60 -11.17 22.64 -34.18
N GLN A 61 -11.65 21.82 -35.12
CA GLN A 61 -11.47 22.15 -36.53
C GLN A 61 -12.22 23.43 -36.90
N GLU A 62 -13.45 23.58 -36.39
CA GLU A 62 -14.25 24.75 -36.73
C GLU A 62 -13.65 26.03 -36.14
N THR A 63 -13.34 26.03 -34.85
CA THR A 63 -12.99 27.29 -34.19
C THR A 63 -11.55 27.70 -34.46
N LEU A 64 -10.66 26.76 -34.79
CA LEU A 64 -9.27 27.09 -35.03
C LEU A 64 -8.81 26.87 -36.46
N GLY A 65 -9.39 25.90 -37.16
CA GLY A 65 -9.05 25.67 -38.56
C GLY A 65 -7.62 25.23 -38.80
N LYS A 66 -7.14 24.27 -38.01
CA LYS A 66 -5.78 23.78 -38.11
C LYS A 66 -5.77 22.36 -38.66
N ASP A 67 -4.75 22.04 -39.46
CA ASP A 67 -4.58 20.73 -40.05
C ASP A 67 -3.46 20.03 -39.28
N VAL A 68 -3.84 19.30 -38.23
CA VAL A 68 -2.91 18.60 -37.37
C VAL A 68 -3.43 17.18 -37.15
N ALA A 69 -2.53 16.29 -36.73
CA ALA A 69 -2.88 14.89 -36.57
C ALA A 69 -3.83 14.67 -35.41
N TYR A 70 -3.82 15.54 -34.39
CA TYR A 70 -4.72 15.29 -33.26
C TYR A 70 -6.16 15.68 -33.57
N ILE A 71 -6.41 16.25 -34.74
CA ILE A 71 -7.77 16.42 -35.22
C ILE A 71 -8.11 15.45 -36.36
N SER A 72 -7.13 15.09 -37.18
CA SER A 72 -7.31 14.03 -38.16
C SER A 72 -7.50 12.66 -37.51
N MET A 73 -7.08 12.49 -36.26
CA MET A 73 -7.30 11.28 -35.50
C MET A 73 -8.53 11.36 -34.62
N GLY A 74 -9.28 12.46 -34.69
CA GLY A 74 -10.48 12.59 -33.90
C GLY A 74 -11.71 12.72 -34.78
N LEU A 75 -11.50 12.71 -36.10
CA LEU A 75 -12.59 12.72 -37.06
C LEU A 75 -12.60 11.49 -37.94
N SER A 76 -11.67 10.56 -37.73
CA SER A 76 -11.65 9.32 -38.48
C SER A 76 -12.83 8.44 -38.09
N ASP A 77 -13.04 7.37 -38.86
CA ASP A 77 -14.18 6.50 -38.64
C ASP A 77 -14.09 5.78 -37.30
N GLU A 78 -12.89 5.57 -36.76
CA GLU A 78 -12.76 4.85 -35.51
C GLU A 78 -13.37 5.62 -34.34
N TRP A 79 -13.02 6.90 -34.20
CA TRP A 79 -13.24 7.63 -32.97
C TRP A 79 -14.27 8.74 -33.07
N LYS A 80 -14.77 9.06 -34.26
CA LYS A 80 -15.60 10.25 -34.41
C LYS A 80 -16.91 10.16 -33.63
N ASP A 81 -17.28 8.96 -33.16
CA ASP A 81 -18.52 8.81 -32.43
C ASP A 81 -18.41 7.97 -31.16
N LYS A 82 -17.23 7.40 -30.89
CA LYS A 82 -17.05 6.65 -29.66
C LYS A 82 -17.02 7.60 -28.48
N PRO A 83 -17.39 7.12 -27.29
CA PRO A 83 -17.38 8.00 -26.11
C PRO A 83 -15.99 8.46 -25.73
N LEU A 84 -15.95 9.61 -25.04
CA LEU A 84 -14.69 10.28 -24.71
C LEU A 84 -13.73 9.37 -23.95
N TYR A 85 -14.25 8.40 -23.19
CA TYR A 85 -13.37 7.59 -22.37
C TYR A 85 -12.46 6.69 -23.19
N HIS A 86 -12.68 6.54 -24.49
CA HIS A 86 -11.73 5.79 -25.31
C HIS A 86 -10.44 6.55 -25.53
N LEU A 87 -10.43 7.87 -25.27
CA LEU A 87 -9.19 8.62 -25.29
C LEU A 87 -8.19 8.06 -24.29
N PHE A 88 -8.67 7.42 -23.23
CA PHE A 88 -7.84 6.93 -22.15
C PHE A 88 -7.46 5.47 -22.29
N THR A 89 -7.87 4.80 -23.37
CA THR A 89 -7.55 3.40 -23.55
C THR A 89 -6.25 3.24 -24.33
N LYS A 90 -5.71 2.04 -24.33
CA LYS A 90 -4.38 1.80 -24.89
C LYS A 90 -4.37 1.66 -26.41
N LYS A 91 -5.54 1.60 -27.05
CA LYS A 91 -5.59 1.52 -28.50
C LYS A 91 -5.65 2.89 -29.18
N TYR A 92 -5.55 3.97 -28.42
CA TYR A 92 -5.57 5.30 -29.00
C TYR A 92 -4.26 5.99 -28.68
N HIS A 93 -3.67 6.66 -29.67
CA HIS A 93 -2.37 7.29 -29.52
C HIS A 93 -2.38 8.26 -28.35
N THR A 94 -1.34 8.19 -27.52
CA THR A 94 -1.31 8.95 -26.27
C THR A 94 -1.31 10.46 -26.52
N ASN A 95 -0.39 10.92 -27.36
CA ASN A 95 -0.21 12.35 -27.55
C ASN A 95 -1.42 12.97 -28.24
N ASN A 96 -2.03 12.27 -29.19
CA ASN A 96 -3.25 12.78 -29.81
C ASN A 96 -4.36 12.94 -28.79
N ALA A 97 -4.53 11.97 -27.90
CA ALA A 97 -5.54 12.09 -26.85
C ALA A 97 -5.25 13.27 -25.94
N ASP A 98 -4.00 13.39 -25.48
CA ASP A 98 -3.62 14.50 -24.61
C ASP A 98 -3.92 15.83 -25.29
N ASN A 99 -3.45 15.99 -26.52
CA ASN A 99 -3.59 17.27 -27.20
C ASN A 99 -5.04 17.59 -27.49
N LEU A 100 -5.81 16.62 -27.97
CA LEU A 100 -7.23 16.87 -28.25
C LEU A 100 -7.97 17.28 -27.00
N LEU A 101 -7.83 16.50 -25.92
CA LEU A 101 -8.53 16.83 -24.68
C LEU A 101 -8.08 18.18 -24.14
N TYR A 102 -6.77 18.44 -24.14
CA TYR A 102 -6.25 19.67 -23.56
C TYR A 102 -6.73 20.88 -24.34
N TYR A 103 -6.66 20.82 -25.66
CA TYR A 103 -7.03 22.00 -26.44
C TYR A 103 -8.53 22.21 -26.45
N TYR A 104 -9.32 21.14 -26.33
CA TYR A 104 -10.73 21.32 -26.08
C TYR A 104 -10.96 22.07 -24.77
N ILE A 105 -10.30 21.63 -23.69
CA ILE A 105 -10.49 22.24 -22.38
C ILE A 105 -10.01 23.68 -22.36
N LYS A 106 -8.88 23.95 -23.02
CA LYS A 106 -8.32 25.30 -23.07
C LYS A 106 -9.20 26.23 -23.88
N GLU A 107 -9.70 25.78 -25.03
CA GLU A 107 -10.54 26.63 -25.85
C GLU A 107 -11.87 26.99 -25.19
N LYS A 108 -12.30 26.20 -24.20
CA LYS A 108 -13.57 26.42 -23.54
C LYS A 108 -13.44 26.77 -22.06
N ASN A 109 -12.23 26.85 -21.53
CA ASN A 109 -11.98 27.27 -20.13
C ASN A 109 -12.80 26.42 -19.17
N LEU A 110 -12.67 25.10 -19.31
CA LEU A 110 -13.49 24.18 -18.52
C LEU A 110 -12.97 24.05 -17.08
N ASP A 111 -11.65 24.03 -16.89
CA ASP A 111 -11.11 23.87 -15.56
C ASP A 111 -10.93 25.20 -14.82
N GLY A 112 -11.24 26.32 -15.46
CA GLY A 112 -11.23 27.60 -14.78
C GLY A 112 -9.89 28.23 -14.55
N TYR A 113 -8.85 27.83 -15.27
CA TYR A 113 -7.50 28.34 -15.07
C TYR A 113 -7.42 29.86 -15.24
N LYS A 114 -7.21 30.57 -14.13
CA LYS A 114 -7.02 32.01 -14.14
C LYS A 114 -5.56 32.41 -13.98
N GLY A 115 -4.64 31.47 -14.11
CA GLY A 115 -3.24 31.69 -13.86
C GLY A 115 -2.82 31.09 -12.54
N ASN A 116 -1.57 31.34 -12.18
CA ASN A 116 -0.99 30.85 -10.94
C ASN A 116 -0.22 31.95 -10.24
N THR A 117 0.02 31.76 -8.94
CA THR A 117 0.57 32.83 -8.10
C THR A 117 1.98 33.21 -8.53
N LEU A 118 2.84 32.23 -8.77
CA LEU A 118 4.22 32.52 -9.09
C LEU A 118 4.44 32.87 -10.56
N ASN A 119 3.39 32.88 -11.36
CA ASN A 119 3.49 33.16 -12.79
C ASN A 119 4.42 32.17 -13.49
N ILE A 120 4.37 30.91 -13.04
CA ILE A 120 5.05 29.84 -13.75
C ILE A 120 4.42 29.66 -15.12
N GLY A 121 5.24 29.35 -16.11
CA GLY A 121 4.76 29.19 -17.47
C GLY A 121 3.67 28.16 -17.60
N ASN A 122 2.58 28.51 -18.29
CA ASN A 122 1.40 27.65 -18.33
C ASN A 122 1.72 26.28 -18.89
N THR A 123 2.74 26.17 -19.74
CA THR A 123 3.11 24.87 -20.28
C THR A 123 3.55 23.92 -19.18
N PHE A 124 4.27 24.44 -18.19
CA PHE A 124 4.82 23.61 -17.12
C PHE A 124 3.87 23.43 -15.95
N PHE A 125 2.92 24.34 -15.77
CA PHE A 125 1.99 24.27 -14.64
C PHE A 125 0.68 23.61 -15.00
N ARG A 126 0.14 23.90 -16.18
CA ARG A 126 -1.19 23.45 -16.59
C ARG A 126 -1.14 22.27 -17.54
N GLN A 127 -0.52 22.45 -18.72
CA GLN A 127 -0.64 21.44 -19.77
C GLN A 127 0.19 20.21 -19.46
N PHE A 128 1.41 20.39 -18.97
CA PHE A 128 2.25 19.28 -18.55
C PHE A 128 2.43 19.25 -17.04
N GLY A 129 1.43 19.75 -16.32
CA GLY A 129 1.37 19.64 -14.88
C GLY A 129 0.13 18.90 -14.42
N TYR A 130 -0.82 19.67 -13.87
CA TYR A 130 -1.98 19.04 -13.27
C TYR A 130 -2.85 18.34 -14.31
N PHE A 131 -2.96 18.92 -15.51
CA PHE A 131 -3.72 18.25 -16.57
C PHE A 131 -3.04 16.96 -16.99
N LYS A 132 -1.71 16.97 -17.06
CA LYS A 132 -0.99 15.76 -17.37
C LYS A 132 -1.28 14.67 -16.33
N LEU A 133 -1.31 15.06 -15.05
CA LEU A 133 -1.65 14.08 -14.01
C LEU A 133 -3.09 13.62 -14.13
N VAL A 134 -4.02 14.53 -14.42
CA VAL A 134 -5.42 14.14 -14.59
C VAL A 134 -5.57 13.07 -15.66
N VAL A 135 -4.91 13.29 -16.81
CA VAL A 135 -5.05 12.35 -17.91
C VAL A 135 -4.38 11.02 -17.56
N SER A 136 -3.16 11.07 -17.00
CA SER A 136 -2.47 9.85 -16.61
C SER A 136 -3.21 9.09 -15.52
N ASN A 137 -4.06 9.77 -14.75
CA ASN A 137 -4.83 9.10 -13.71
C ASN A 137 -6.10 8.50 -14.26
N TYR A 138 -6.82 9.23 -15.10
CA TYR A 138 -8.00 8.66 -15.75
C TYR A 138 -7.63 7.52 -16.69
N ARG A 139 -6.37 7.42 -17.07
CA ARG A 139 -5.95 6.27 -17.88
C ARG A 139 -5.94 4.99 -17.08
N THR A 140 -5.38 5.00 -15.86
CA THR A 140 -5.28 3.78 -15.07
C THR A 140 -6.65 3.29 -14.62
N LYS A 141 -7.58 4.19 -14.36
CA LYS A 141 -8.92 3.78 -13.98
C LYS A 141 -9.57 2.96 -15.09
N ILE A 142 -9.42 3.39 -16.33
CA ILE A 142 -10.11 2.76 -17.43
C ILE A 142 -9.33 1.58 -18.01
N ARG A 143 -8.00 1.59 -17.87
CA ARG A 143 -7.21 0.49 -18.42
C ARG A 143 -7.22 -0.73 -17.51
N THR A 144 -7.34 -0.54 -16.21
CA THR A 144 -7.57 -1.64 -15.29
C THR A 144 -9.04 -1.94 -15.12
N LEU A 145 -9.91 -1.22 -15.82
CA LEU A 145 -11.34 -1.35 -15.64
C LEU A 145 -11.79 -2.76 -16.01
N ASN A 146 -12.03 -3.58 -15.00
CA ASN A 146 -12.46 -4.96 -15.17
C ASN A 146 -13.96 -4.99 -14.96
N CYS A 147 -14.72 -5.09 -16.06
CA CYS A 147 -16.15 -5.25 -15.94
C CYS A 147 -16.46 -6.44 -15.04
N GLU A 148 -17.58 -6.36 -14.32
CA GLU A 148 -17.88 -7.36 -13.30
C GLU A 148 -17.82 -8.76 -13.90
N ILE A 149 -16.83 -9.54 -13.46
CA ILE A 149 -16.52 -10.82 -14.11
C ILE A 149 -15.66 -11.63 -13.16
N LYS A 150 -15.71 -12.96 -13.32
CA LYS A 150 -14.92 -13.87 -12.52
C LYS A 150 -14.37 -14.96 -13.44
N ARG A 151 -13.66 -15.92 -12.86
CA ARG A 151 -13.09 -17.03 -13.60
C ARG A 151 -13.75 -18.33 -13.15
N LYS A 152 -14.23 -19.11 -14.11
CA LYS A 152 -14.88 -20.37 -13.84
C LYS A 152 -14.44 -21.39 -14.88
N LYS A 153 -14.43 -22.66 -14.50
CA LYS A 153 -14.07 -23.72 -15.42
C LYS A 153 -15.17 -23.90 -16.46
N ILE A 154 -14.77 -23.99 -17.73
CA ILE A 154 -15.71 -24.14 -18.83
C ILE A 154 -16.00 -25.63 -19.02
N ASP A 155 -17.27 -25.99 -18.87
CA ASP A 155 -17.74 -27.35 -19.07
C ASP A 155 -18.56 -27.45 -20.34
N ALA A 156 -18.76 -28.68 -20.82
CA ALA A 156 -19.56 -28.89 -22.01
C ALA A 156 -21.00 -28.44 -21.79
N ASP A 157 -21.57 -28.78 -20.63
CA ASP A 157 -22.90 -28.30 -20.25
C ASP A 157 -22.74 -27.08 -19.36
N SER A 158 -22.39 -25.96 -19.98
CA SER A 158 -22.30 -24.68 -19.32
C SER A 158 -23.15 -23.67 -20.06
N THR A 159 -23.78 -22.77 -19.30
CA THR A 159 -24.69 -21.79 -19.87
C THR A 159 -23.93 -20.81 -20.77
N SER A 160 -24.71 -20.01 -21.51
CA SER A 160 -24.11 -19.01 -22.40
C SER A 160 -23.27 -18.00 -21.62
N GLU A 161 -23.67 -17.68 -20.39
CA GLU A 161 -22.89 -16.76 -19.57
C GLU A 161 -21.50 -17.33 -19.28
N ASP A 162 -21.43 -18.62 -18.95
CA ASP A 162 -20.13 -19.24 -18.67
C ASP A 162 -19.23 -19.22 -19.90
N ILE A 163 -19.80 -19.41 -21.08
CA ILE A 163 -19.03 -19.27 -22.31
C ILE A 163 -18.54 -17.83 -22.46
N GLU A 164 -19.43 -16.87 -22.26
CA GLU A 164 -19.10 -15.47 -22.51
C GLU A 164 -18.22 -14.88 -21.41
N MET A 165 -18.42 -15.28 -20.16
CA MET A 165 -17.63 -14.71 -19.08
C MET A 165 -16.15 -15.00 -19.25
N GLN A 166 -15.78 -16.27 -19.45
CA GLN A 166 -14.38 -16.60 -19.68
C GLN A 166 -13.86 -16.02 -20.99
N THR A 167 -14.75 -15.73 -21.94
CA THR A 167 -14.34 -15.01 -23.15
C THR A 167 -13.85 -13.61 -22.79
N MET A 168 -14.74 -12.78 -22.26
CA MET A 168 -14.39 -11.40 -21.95
C MET A 168 -13.32 -11.30 -20.87
N TYR A 169 -13.29 -12.26 -19.95
CA TYR A 169 -12.29 -12.23 -18.89
C TYR A 169 -10.88 -12.29 -19.45
N GLU A 170 -10.66 -13.15 -20.44
CA GLU A 170 -9.35 -13.24 -21.05
C GLU A 170 -9.07 -12.10 -22.03
N ILE A 171 -10.13 -11.55 -22.65
CA ILE A 171 -9.94 -10.40 -23.53
C ILE A 171 -9.38 -9.22 -22.76
N ILE A 172 -9.94 -8.94 -21.58
CA ILE A 172 -9.47 -7.83 -20.78
C ILE A 172 -8.04 -8.05 -20.34
N LYS A 173 -7.70 -9.27 -19.94
CA LYS A 173 -6.34 -9.58 -19.52
C LYS A 173 -5.33 -9.45 -20.65
N HIS A 174 -5.79 -9.38 -21.90
CA HIS A 174 -4.88 -9.37 -23.03
C HIS A 174 -5.25 -8.38 -24.13
N ASN A 175 -6.33 -7.63 -23.98
CA ASN A 175 -6.68 -6.53 -24.89
C ASN A 175 -6.81 -6.99 -26.34
N LEU A 176 -7.25 -8.23 -26.55
CA LEU A 176 -7.37 -8.77 -27.89
C LEU A 176 -8.70 -8.34 -28.52
N ASN A 177 -8.62 -7.73 -29.69
CA ASN A 177 -9.82 -7.27 -30.39
C ASN A 177 -10.00 -7.93 -31.74
N LYS A 178 -8.98 -7.92 -32.60
CA LYS A 178 -9.12 -8.50 -33.92
C LYS A 178 -9.16 -10.02 -33.84
N LYS A 179 -9.59 -10.64 -34.95
CA LYS A 179 -9.65 -12.10 -35.01
C LYS A 179 -8.26 -12.71 -34.97
N THR A 180 -7.29 -12.08 -35.63
CA THR A 180 -5.93 -12.63 -35.69
C THR A 180 -5.29 -12.68 -34.31
N ASP A 181 -5.54 -11.65 -33.49
CA ASP A 181 -4.91 -11.57 -32.17
C ASP A 181 -5.30 -12.75 -31.28
N TRP A 182 -6.48 -13.32 -31.49
CA TRP A 182 -6.85 -14.53 -30.77
C TRP A 182 -5.90 -15.67 -31.10
N ASP A 183 -5.57 -15.83 -32.39
CA ASP A 183 -4.64 -16.88 -32.80
C ASP A 183 -3.26 -16.66 -32.18
N GLU A 184 -2.84 -15.39 -32.05
CA GLU A 184 -1.52 -15.10 -31.51
C GLU A 184 -1.39 -15.54 -30.06
N PHE A 185 -2.43 -15.33 -29.26
CA PHE A 185 -2.39 -15.81 -27.87
C PHE A 185 -2.42 -17.32 -27.80
N ILE A 186 -3.09 -17.98 -28.75
CA ILE A 186 -3.05 -19.44 -28.80
C ILE A 186 -1.62 -19.93 -29.04
N SER A 187 -0.90 -19.27 -29.95
CA SER A 187 0.48 -19.61 -30.24
C SER A 187 1.44 -19.13 -29.16
N TYR A 188 0.99 -18.33 -28.20
CA TYR A 188 1.89 -17.77 -27.20
C TYR A 188 2.46 -18.85 -26.29
N ILE A 189 1.66 -19.86 -25.95
CA ILE A 189 2.07 -20.87 -24.98
C ILE A 189 2.49 -22.15 -25.71
N GLU A 190 1.85 -22.45 -26.84
CA GLU A 190 2.15 -23.68 -27.55
C GLU A 190 3.59 -23.72 -28.04
N ASN A 191 4.09 -22.59 -28.53
CA ASN A 191 5.49 -22.53 -28.96
C ASN A 191 6.45 -22.60 -27.78
N VAL A 192 5.97 -22.38 -26.56
CA VAL A 192 6.79 -22.55 -25.37
C VAL A 192 6.82 -24.02 -24.98
N GLU A 193 7.98 -24.47 -24.51
CA GLU A 193 8.18 -25.88 -24.19
C GLU A 193 7.16 -26.37 -23.16
N ASN A 194 6.55 -27.52 -23.45
CA ASN A 194 5.57 -28.19 -22.58
C ASN A 194 4.39 -27.29 -22.25
N PRO A 195 3.52 -26.98 -23.22
CA PRO A 195 2.32 -26.21 -22.92
C PRO A 195 1.22 -27.10 -22.34
N ASN A 196 0.28 -26.45 -21.66
CA ASN A 196 -0.88 -27.15 -21.14
C ASN A 196 -1.95 -27.21 -22.22
N ILE A 197 -2.24 -28.42 -22.69
CA ILE A 197 -3.15 -28.60 -23.83
C ILE A 197 -4.56 -28.17 -23.47
N ASP A 198 -5.03 -28.55 -22.27
CA ASP A 198 -6.41 -28.25 -21.88
C ASP A 198 -6.62 -26.75 -21.71
N ASN A 199 -5.64 -26.04 -21.14
CA ASN A 199 -5.81 -24.63 -20.84
C ASN A 199 -5.95 -23.80 -22.11
N ILE A 200 -5.13 -24.07 -23.12
CA ILE A 200 -5.17 -23.27 -24.35
C ILE A 200 -6.45 -23.54 -25.13
N ASN A 201 -6.92 -24.80 -25.14
CA ASN A 201 -8.18 -25.12 -25.79
C ASN A 201 -9.34 -24.33 -25.19
N ARG A 202 -9.25 -24.03 -23.89
CA ARG A 202 -10.29 -23.26 -23.22
C ARG A 202 -10.44 -21.88 -23.84
N TYR A 203 -9.35 -21.30 -24.32
CA TYR A 203 -9.41 -20.02 -25.02
C TYR A 203 -9.63 -20.18 -26.53
N LYS A 204 -9.21 -21.31 -27.10
CA LYS A 204 -9.53 -21.58 -28.51
C LYS A 204 -11.04 -21.66 -28.73
N LEU A 205 -11.75 -22.31 -27.80
CA LEU A 205 -13.19 -22.43 -27.91
C LEU A 205 -13.86 -21.07 -27.93
N LEU A 206 -13.42 -20.16 -27.05
CA LEU A 206 -14.01 -18.83 -26.98
C LEU A 206 -13.57 -17.96 -28.15
N ARG A 207 -12.38 -18.21 -28.70
CA ARG A 207 -11.99 -17.56 -29.94
C ARG A 207 -12.95 -17.96 -31.06
N LYS A 208 -13.32 -19.22 -31.11
CA LYS A 208 -14.37 -19.66 -32.03
C LYS A 208 -15.68 -18.95 -31.72
N CYS A 209 -16.02 -18.84 -30.43
CA CYS A 209 -17.23 -18.10 -30.06
C CYS A 209 -17.13 -16.62 -30.39
N PHE A 210 -15.91 -16.08 -30.41
CA PHE A 210 -15.72 -14.66 -30.69
C PHE A 210 -16.22 -14.31 -32.09
N CYS A 211 -16.05 -15.22 -33.05
CA CYS A 211 -16.43 -14.92 -34.43
C CYS A 211 -17.93 -14.99 -34.63
N GLU A 212 -18.64 -15.81 -33.85
CA GLU A 212 -20.05 -16.07 -34.12
C GLU A 212 -20.89 -14.81 -33.96
N ASN A 213 -20.77 -14.14 -32.82
CA ASN A 213 -21.64 -13.02 -32.46
C ASN A 213 -20.81 -11.87 -31.91
N GLU A 214 -19.76 -11.49 -32.63
CA GLU A 214 -18.85 -10.45 -32.17
C GLU A 214 -19.58 -9.15 -31.83
N ASN A 215 -20.65 -8.84 -32.55
CA ASN A 215 -21.40 -7.62 -32.26
C ASN A 215 -21.95 -7.65 -30.84
N MET A 216 -22.52 -8.78 -30.42
CA MET A 216 -23.01 -8.87 -29.05
C MET A 216 -21.86 -8.76 -28.05
N ILE A 217 -20.71 -9.36 -28.37
CA ILE A 217 -19.60 -9.35 -27.42
C ILE A 217 -19.05 -7.94 -27.24
N LYS A 218 -18.75 -7.26 -28.34
CA LYS A 218 -18.21 -5.90 -28.24
C LYS A 218 -19.24 -4.95 -27.65
N ASN A 219 -20.51 -5.06 -28.08
CA ASN A 219 -21.54 -4.18 -27.57
C ASN A 219 -21.74 -4.39 -26.07
N LYS A 220 -21.74 -5.64 -25.60
CA LYS A 220 -21.94 -5.90 -24.19
C LYS A 220 -20.73 -5.47 -23.37
N LEU A 221 -19.52 -5.68 -23.89
CA LEU A 221 -18.33 -5.23 -23.17
C LEU A 221 -18.33 -3.72 -23.01
N GLU A 222 -18.69 -3.00 -24.08
CA GLU A 222 -18.72 -1.54 -23.98
C GLU A 222 -19.89 -1.05 -23.15
N LEU A 223 -21.02 -1.77 -23.17
CA LEU A 223 -22.13 -1.41 -22.30
C LEU A 223 -21.77 -1.58 -20.84
N LEU A 224 -21.05 -2.66 -20.52
CA LEU A 224 -20.58 -2.85 -19.15
C LEU A 224 -19.56 -1.78 -18.77
N SER A 225 -18.68 -1.41 -19.70
CA SER A 225 -17.71 -0.35 -19.43
C SER A 225 -18.41 0.97 -19.13
N ILE A 226 -19.43 1.32 -19.93
CA ILE A 226 -20.22 2.51 -19.65
C ILE A 226 -20.95 2.36 -18.32
N GLU A 227 -21.37 1.15 -17.98
CA GLU A 227 -22.05 0.91 -16.71
C GLU A 227 -21.14 1.24 -15.54
N GLN A 228 -19.88 0.83 -15.60
CA GLN A 228 -18.94 1.10 -14.52
C GLN A 228 -18.30 2.48 -14.63
N LEU A 229 -18.92 3.42 -15.32
CA LEU A 229 -18.39 4.78 -15.43
C LEU A 229 -19.43 5.85 -15.15
N LYS A 230 -20.48 5.51 -14.41
CA LYS A 230 -21.41 6.51 -13.90
C LYS A 230 -21.52 6.50 -12.39
N ASN A 231 -21.14 5.40 -11.73
CA ASN A 231 -20.93 5.39 -10.30
C ASN A 231 -19.54 5.85 -9.91
N PHE A 232 -18.68 6.12 -10.90
CA PHE A 232 -17.34 6.63 -10.63
C PHE A 232 -17.41 8.12 -10.33
N GLY A 233 -16.89 8.52 -9.17
CA GLY A 233 -16.92 9.91 -8.75
C GLY A 233 -15.69 10.68 -9.19
N GLY A 234 -14.95 10.13 -10.14
CA GLY A 234 -13.78 10.78 -10.67
C GLY A 234 -12.55 10.56 -9.80
N CYS A 235 -11.41 10.98 -10.33
CA CYS A 235 -10.16 10.90 -9.62
C CYS A 235 -10.01 12.15 -8.75
N ILE A 236 -9.72 11.94 -7.47
CA ILE A 236 -9.66 13.02 -6.49
C ILE A 236 -8.29 13.05 -5.84
N MET A 237 -7.67 14.23 -5.86
CA MET A 237 -6.45 14.46 -5.10
C MET A 237 -6.85 14.92 -3.71
N LYS A 238 -6.32 14.25 -2.69
CA LYS A 238 -6.79 14.42 -1.33
C LYS A 238 -6.37 15.78 -0.78
N GLN A 239 -6.71 16.01 0.49
CA GLN A 239 -6.37 17.26 1.16
C GLN A 239 -5.07 17.18 1.93
N HIS A 240 -4.37 16.05 1.90
CA HIS A 240 -3.14 15.85 2.66
C HIS A 240 -1.92 15.65 1.76
N ILE A 241 -1.95 16.20 0.55
CA ILE A 241 -0.97 15.81 -0.46
C ILE A 241 0.31 16.63 -0.34
N ASN A 242 0.21 17.95 -0.49
CA ASN A 242 1.37 18.84 -0.46
C ASN A 242 2.41 18.46 -1.51
N SER A 243 1.96 18.31 -2.76
CA SER A 243 2.84 17.91 -3.83
C SER A 243 2.31 18.46 -5.15
N MET A 244 3.21 18.98 -5.98
CA MET A 244 2.88 19.38 -7.34
C MET A 244 4.00 18.93 -8.26
N THR A 245 3.62 18.47 -9.45
CA THR A 245 4.58 18.00 -10.45
C THR A 245 4.55 18.90 -11.67
N LEU A 246 5.72 19.34 -12.11
CA LEU A 246 5.87 20.15 -13.30
C LEU A 246 6.79 19.47 -14.28
N ILE A 247 6.42 19.48 -15.56
CA ILE A 247 7.29 19.02 -16.64
C ILE A 247 7.86 20.26 -17.31
N ILE A 248 9.18 20.41 -17.24
CA ILE A 248 9.87 21.54 -17.86
C ILE A 248 10.97 20.99 -18.74
N GLN A 249 10.93 21.34 -20.03
CA GLN A 249 11.91 20.81 -20.97
C GLN A 249 13.29 21.39 -20.74
N HIS A 250 13.37 22.69 -20.47
CA HIS A 250 14.64 23.41 -20.38
C HIS A 250 14.77 24.03 -19.00
N PHE A 251 15.29 23.26 -18.06
CA PHE A 251 15.75 23.79 -16.78
C PHE A 251 17.15 23.25 -16.51
N LYS A 252 17.89 23.94 -15.67
CA LYS A 252 19.28 23.62 -15.41
C LYS A 252 19.48 23.30 -13.94
N ILE A 253 20.20 22.20 -13.67
CA ILE A 253 20.63 21.84 -12.33
C ILE A 253 22.15 21.97 -12.30
N GLU A 254 22.67 22.78 -11.39
CA GLU A 254 24.08 23.06 -11.37
C GLU A 254 24.67 22.78 -9.99
N GLU A 255 25.91 22.31 -9.98
CA GLU A 255 26.67 22.19 -8.75
C GLU A 255 27.08 23.56 -8.25
N LYS A 256 27.02 23.75 -6.94
CA LYS A 256 27.49 25.00 -6.37
C LYS A 256 29.00 25.11 -6.45
N GLU A 257 29.49 26.31 -6.20
CA GLU A 257 30.91 26.58 -6.14
C GLU A 257 31.35 26.50 -4.69
N ASN A 258 32.32 25.62 -4.41
CA ASN A 258 32.83 25.41 -3.06
C ASN A 258 31.71 24.99 -2.11
N SER A 259 31.13 23.83 -2.39
CA SER A 259 30.01 23.30 -1.64
C SER A 259 29.80 21.85 -2.04
N LEU A 260 28.88 21.19 -1.33
CA LEU A 260 28.45 19.84 -1.70
C LEU A 260 27.04 19.81 -2.27
N GLY A 261 26.30 20.91 -2.22
CA GLY A 261 24.94 20.97 -2.67
C GLY A 261 24.81 21.30 -4.14
N PHE A 262 23.60 21.69 -4.53
CA PHE A 262 23.28 22.01 -5.90
C PHE A 262 22.41 23.26 -5.94
N ILE A 263 22.34 23.88 -7.10
CA ILE A 263 21.46 25.01 -7.36
C ILE A 263 20.54 24.64 -8.51
N LEU A 264 19.24 24.85 -8.31
CA LEU A 264 18.24 24.55 -9.33
C LEU A 264 17.80 25.85 -9.98
N ASN A 265 18.09 26.00 -11.26
CA ASN A 265 17.66 27.15 -12.04
C ASN A 265 16.32 26.83 -12.69
N LEU A 266 15.27 27.46 -12.20
CA LEU A 266 13.91 27.14 -12.57
C LEU A 266 13.32 28.27 -13.39
N PRO A 267 12.88 28.02 -14.62
CA PRO A 267 12.19 29.09 -15.37
C PRO A 267 10.91 29.52 -14.67
N LEU A 268 10.91 30.75 -14.17
CA LEU A 268 9.85 31.22 -13.28
C LEU A 268 9.58 32.69 -13.56
N ASN A 269 8.41 32.97 -14.15
CA ASN A 269 8.00 34.32 -14.54
C ASN A 269 8.99 34.93 -15.55
N LYS A 270 9.31 34.16 -16.58
CA LYS A 270 10.17 34.55 -17.69
C LYS A 270 11.59 34.88 -17.26
N LYS A 271 11.95 34.57 -16.02
CA LYS A 271 13.31 34.74 -15.52
C LYS A 271 13.75 33.46 -14.85
N GLN A 272 15.06 33.28 -14.74
CA GLN A 272 15.63 32.10 -14.09
C GLN A 272 15.74 32.39 -12.59
N TYR A 273 14.96 31.67 -11.80
CA TYR A 273 15.02 31.74 -10.35
C TYR A 273 15.92 30.62 -9.85
N GLN A 274 16.83 30.95 -8.94
CA GLN A 274 17.79 29.99 -8.42
C GLN A 274 17.31 29.48 -7.06
N ILE A 275 17.13 28.17 -6.96
CA ILE A 275 16.71 27.52 -5.73
C ILE A 275 17.90 26.73 -5.20
N GLU A 276 18.35 27.06 -4.01
CA GLU A 276 19.47 26.35 -3.42
C GLU A 276 19.00 25.06 -2.78
N LEU A 277 19.75 23.98 -3.02
CA LEU A 277 19.42 22.66 -2.52
C LEU A 277 20.58 22.14 -1.68
N TRP A 278 20.26 21.44 -0.60
CA TRP A 278 21.28 20.73 0.15
C TRP A 278 21.84 19.60 -0.69
N GLY A 279 22.87 18.95 -0.17
CA GLY A 279 23.47 17.81 -0.84
C GLY A 279 22.98 16.51 -0.24
N ASN A 280 23.09 15.44 -1.04
CA ASN A 280 22.79 14.09 -0.58
C ASN A 280 24.06 13.27 -0.56
N ARG A 281 24.26 12.49 0.50
CA ARG A 281 25.25 11.42 0.42
C ARG A 281 24.83 10.35 -0.58
N GLN A 282 23.69 10.55 -1.24
CA GLN A 282 23.18 9.58 -2.18
C GLN A 282 23.61 9.94 -3.60
N VAL A 283 23.68 11.25 -3.89
CA VAL A 283 24.40 11.82 -5.03
C VAL A 283 25.49 12.70 -4.45
N ASN A 284 26.68 12.15 -4.30
CA ASN A 284 27.75 12.79 -3.54
C ASN A 284 28.95 13.02 -4.46
N LYS A 285 29.81 13.95 -4.07
CA LYS A 285 30.86 14.43 -4.97
C LYS A 285 31.83 13.32 -5.34
N GLY A 286 32.17 13.26 -6.63
CA GLY A 286 33.11 12.28 -7.14
C GLY A 286 32.55 10.92 -7.43
N THR A 287 31.27 10.68 -7.20
CA THR A 287 30.67 9.38 -7.41
C THR A 287 30.06 9.28 -8.80
N LYS A 288 29.86 8.03 -9.25
CA LYS A 288 29.28 7.80 -10.57
C LYS A 288 27.81 8.17 -10.61
N GLU A 289 27.08 7.90 -9.52
CA GLU A 289 25.68 8.29 -9.45
C GLU A 289 25.53 9.79 -9.59
N ARG A 290 26.52 10.56 -9.15
CA ARG A 290 26.43 12.01 -9.29
C ARG A 290 26.50 12.43 -10.75
N ASP A 291 27.46 11.87 -11.49
CA ASP A 291 27.58 12.19 -12.91
C ASP A 291 26.36 11.72 -13.67
N ALA A 292 25.83 10.55 -13.33
CA ALA A 292 24.61 10.07 -13.97
C ALA A 292 23.45 11.00 -13.70
N PHE A 293 23.32 11.47 -12.46
CA PHE A 293 22.24 12.40 -12.14
C PHE A 293 22.40 13.70 -12.91
N LEU A 294 23.62 14.23 -13.00
CA LEU A 294 23.84 15.50 -13.67
C LEU A 294 23.88 15.38 -15.19
N ASN A 295 23.91 14.16 -15.74
CA ASN A 295 23.92 13.96 -17.18
C ASN A 295 22.58 13.54 -17.76
N THR A 296 21.79 12.76 -17.02
CA THR A 296 20.64 12.09 -17.57
C THR A 296 19.37 12.38 -16.79
N TYR A 297 19.26 13.53 -16.15
CA TYR A 297 18.11 13.79 -15.30
C TYR A 297 16.89 14.14 -16.16
N GLY A 298 15.72 13.71 -15.71
CA GLY A 298 14.51 13.81 -16.49
C GLY A 298 13.86 15.16 -16.38
N GLU A 299 12.72 15.29 -17.08
CA GLU A 299 12.01 16.56 -17.19
C GLU A 299 10.97 16.77 -16.11
N ASN A 300 10.71 15.79 -15.25
CA ASN A 300 9.71 15.93 -14.22
C ASN A 300 10.33 16.46 -12.94
N ILE A 301 9.72 17.50 -12.37
CA ILE A 301 10.15 18.09 -11.12
C ILE A 301 8.98 18.00 -10.15
N VAL A 302 9.22 17.38 -9.00
CA VAL A 302 8.20 17.19 -7.98
C VAL A 302 8.57 18.04 -6.78
N PHE A 303 7.72 19.00 -6.45
CA PHE A 303 7.86 19.80 -5.24
C PHE A 303 6.92 19.24 -4.19
N ILE A 304 7.46 18.86 -3.05
CA ILE A 304 6.67 18.23 -2.00
C ILE A 304 7.06 18.82 -0.65
N ILE A 305 6.07 19.02 0.22
CA ILE A 305 6.30 19.57 1.55
C ILE A 305 6.06 18.48 2.58
N ASN A 306 7.04 18.25 3.45
CA ASN A 306 6.97 17.22 4.48
C ASN A 306 7.47 17.80 5.79
N ASN A 307 6.58 17.90 6.77
CA ASN A 307 6.87 18.52 8.07
C ASN A 307 7.31 19.97 7.91
N ASP A 308 6.52 20.72 7.13
CA ASP A 308 6.75 22.15 6.92
C ASP A 308 8.14 22.41 6.35
N GLU A 309 8.63 21.51 5.50
CA GLU A 309 9.88 21.68 4.80
C GLU A 309 9.69 21.31 3.34
N LEU A 310 10.29 22.09 2.45
CA LEU A 310 10.15 21.89 1.02
C LEU A 310 11.24 20.93 0.53
N TYR A 311 10.81 19.90 -0.20
CA TYR A 311 11.72 18.97 -0.85
C TYR A 311 11.45 18.98 -2.35
N VAL A 312 12.48 18.66 -3.13
CA VAL A 312 12.37 18.63 -4.59
C VAL A 312 12.86 17.28 -5.06
N VAL A 313 12.04 16.58 -5.85
CA VAL A 313 12.36 15.25 -6.34
C VAL A 313 12.64 15.34 -7.84
N PHE A 314 13.81 14.86 -8.24
CA PHE A 314 14.19 14.71 -9.63
C PHE A 314 14.26 13.24 -9.98
N SER A 315 14.34 12.98 -11.28
CA SER A 315 14.43 11.62 -11.80
C SER A 315 15.59 11.53 -12.77
N TYR A 316 16.13 10.33 -12.92
CA TYR A 316 17.26 10.12 -13.81
C TYR A 316 17.32 8.64 -14.16
N GLU A 317 18.25 8.31 -15.05
CA GLU A 317 18.48 6.94 -15.48
C GLU A 317 19.82 6.47 -14.93
N TYR A 318 19.80 5.34 -14.22
CA TYR A 318 21.02 4.75 -13.69
C TYR A 318 20.77 3.28 -13.42
N GLU A 319 21.55 2.41 -14.06
CA GLU A 319 21.50 0.97 -13.79
C GLU A 319 22.91 0.51 -13.45
N LEU A 320 23.05 -0.13 -12.30
CA LEU A 320 24.34 -0.64 -11.87
C LEU A 320 24.65 -1.97 -12.56
N GLU A 321 25.93 -2.35 -12.51
CA GLU A 321 26.40 -3.55 -13.18
C GLU A 321 26.49 -4.68 -12.15
N LYS A 322 25.59 -5.64 -12.26
CA LYS A 322 25.48 -6.71 -11.28
C LYS A 322 26.66 -7.68 -11.42
N GLU A 323 27.44 -7.81 -10.36
CA GLU A 323 28.58 -8.71 -10.33
C GLU A 323 28.13 -10.04 -9.72
N GLU A 324 28.05 -11.07 -10.56
CA GLU A 324 27.54 -12.36 -10.12
C GLU A 324 28.56 -13.12 -9.29
N ALA A 325 28.08 -14.17 -8.61
CA ALA A 325 28.92 -15.05 -7.81
C ALA A 325 28.49 -16.48 -8.03
N ASN A 326 29.41 -17.41 -7.77
CA ASN A 326 29.14 -18.82 -8.01
C ASN A 326 28.08 -19.33 -7.04
N PHE A 327 27.15 -20.13 -7.56
CA PHE A 327 26.09 -20.68 -6.73
C PHE A 327 26.65 -21.63 -5.69
N VAL A 328 26.23 -21.44 -4.44
CA VAL A 328 26.72 -22.24 -3.32
C VAL A 328 25.55 -22.97 -2.67
N LYS A 329 24.59 -22.20 -2.16
CA LYS A 329 23.49 -22.73 -1.38
C LYS A 329 22.19 -22.05 -1.78
N THR A 330 21.08 -22.70 -1.45
CA THR A 330 19.77 -22.09 -1.52
C THR A 330 19.08 -22.38 -0.19
N VAL A 331 18.45 -21.36 0.39
CA VAL A 331 17.89 -21.47 1.72
C VAL A 331 16.45 -20.97 1.69
N GLY A 332 15.63 -21.54 2.57
CA GLY A 332 14.24 -21.18 2.69
C GLY A 332 13.99 -20.39 3.97
N LEU A 333 13.33 -19.25 3.81
CA LEU A 333 12.89 -18.42 4.92
C LEU A 333 11.39 -18.52 5.06
N ASP A 334 10.93 -18.78 6.28
CA ASP A 334 9.51 -18.92 6.57
C ASP A 334 9.09 -17.79 7.50
N VAL A 335 7.84 -17.37 7.36
CA VAL A 335 7.28 -16.34 8.23
C VAL A 335 6.44 -17.02 9.31
N ASN A 336 6.66 -16.62 10.56
CA ASN A 336 5.90 -17.15 11.67
C ASN A 336 5.43 -16.00 12.53
N PHE A 337 4.50 -16.29 13.43
CA PHE A 337 3.90 -15.28 14.28
C PHE A 337 3.82 -15.70 15.74
N LYS A 338 4.26 -16.91 16.08
CA LYS A 338 4.12 -17.44 17.43
C LYS A 338 5.32 -17.18 18.32
N HIS A 339 6.52 -17.54 17.86
CA HIS A 339 7.71 -17.37 18.68
C HIS A 339 8.77 -16.50 18.03
N ALA A 340 9.05 -16.69 16.75
CA ALA A 340 10.04 -15.89 16.04
C ALA A 340 9.51 -15.60 14.64
N PHE A 341 9.72 -14.38 14.15
CA PHE A 341 9.20 -14.01 12.85
C PHE A 341 9.83 -14.85 11.74
N PHE A 342 11.14 -14.96 11.73
CA PHE A 342 11.85 -15.56 10.61
C PHE A 342 12.47 -16.88 11.05
N VAL A 343 12.06 -17.96 10.40
CA VAL A 343 12.54 -19.30 10.71
C VAL A 343 13.15 -19.88 9.43
N THR A 344 14.38 -20.37 9.56
CA THR A 344 15.11 -20.96 8.45
C THR A 344 15.00 -22.48 8.53
N SER A 345 15.39 -23.17 7.46
CA SER A 345 15.45 -24.62 7.47
C SER A 345 16.82 -25.14 7.85
N GLU A 346 17.79 -24.26 8.04
CA GLU A 346 19.14 -24.68 8.40
C GLU A 346 19.19 -25.13 9.86
N LYS A 347 20.19 -25.95 10.16
CA LYS A 347 20.52 -26.31 11.52
C LYS A 347 21.69 -25.44 11.96
N ASP A 348 21.50 -24.68 13.03
CA ASP A 348 22.56 -23.82 13.54
C ASP A 348 23.75 -24.67 14.00
N ASN A 349 24.86 -24.61 13.27
CA ASN A 349 26.07 -25.33 13.63
C ASN A 349 27.25 -24.37 13.81
N CYS A 350 26.96 -23.10 14.10
CA CYS A 350 27.95 -22.03 14.15
C CYS A 350 28.63 -21.79 12.81
N HIS A 351 28.10 -22.38 11.73
CA HIS A 351 28.68 -22.18 10.41
C HIS A 351 28.53 -20.75 9.94
N LEU A 352 27.40 -20.12 10.23
CA LEU A 352 27.17 -18.74 9.82
C LEU A 352 28.06 -17.80 10.64
N ASP A 353 28.68 -16.85 9.95
CA ASP A 353 29.48 -15.81 10.58
C ASP A 353 28.63 -14.56 10.75
N GLY A 354 28.73 -13.95 11.92
CA GLY A 354 27.93 -12.78 12.21
C GLY A 354 26.50 -13.05 12.61
N TYR A 355 26.16 -14.31 12.85
CA TYR A 355 24.82 -14.69 13.29
C TYR A 355 24.82 -14.88 14.79
N ILE A 356 23.91 -14.19 15.48
CA ILE A 356 23.69 -14.38 16.91
C ILE A 356 22.37 -15.12 17.08
N ASN A 357 22.43 -16.30 17.71
CA ASN A 357 21.26 -17.14 17.95
C ASN A 357 20.69 -16.74 19.30
N LEU A 358 19.63 -15.94 19.29
CA LEU A 358 19.11 -15.39 20.54
C LEU A 358 18.34 -16.41 21.36
N TYR A 359 17.69 -17.38 20.72
CA TYR A 359 17.02 -18.43 21.49
C TYR A 359 18.04 -19.33 22.18
N LYS A 360 19.13 -19.65 21.50
CA LYS A 360 20.18 -20.43 22.13
C LYS A 360 20.86 -19.65 23.25
N TYR A 361 20.89 -18.32 23.14
CA TYR A 361 21.44 -17.49 24.21
C TYR A 361 20.50 -17.42 25.40
N LEU A 362 19.19 -17.35 25.16
CA LEU A 362 18.23 -17.29 26.26
C LEU A 362 18.15 -18.60 27.03
N LEU A 363 18.62 -19.70 26.46
CA LEU A 363 18.56 -20.99 27.12
C LEU A 363 19.78 -21.27 27.99
N GLU A 364 20.80 -20.43 27.93
CA GLU A 364 21.99 -20.58 28.76
C GLU A 364 21.86 -19.84 30.09
N HIS A 365 20.71 -19.21 30.34
CA HIS A 365 20.44 -18.54 31.60
C HIS A 365 19.50 -19.39 32.42
N ASP A 366 19.92 -19.75 33.64
CA ASP A 366 19.04 -20.48 34.53
C ASP A 366 17.83 -19.66 34.91
N GLU A 367 17.99 -18.34 35.02
CA GLU A 367 16.86 -17.48 35.39
C GLU A 367 15.71 -17.60 34.41
N PHE A 368 15.99 -17.83 33.13
CA PHE A 368 14.92 -17.90 32.14
C PHE A 368 14.26 -19.27 32.13
N THR A 369 15.06 -20.35 32.04
CA THR A 369 14.49 -21.67 31.88
C THR A 369 13.86 -22.21 33.16
N ASN A 370 14.22 -21.66 34.32
CA ASN A 370 13.58 -22.07 35.56
C ASN A 370 12.10 -21.71 35.59
N LEU A 371 11.69 -20.71 34.83
CA LEU A 371 10.28 -20.33 34.73
C LEU A 371 9.53 -21.12 33.67
N LEU A 372 10.22 -21.99 32.93
CA LEU A 372 9.63 -22.69 31.79
C LEU A 372 9.11 -24.05 32.22
N THR A 373 8.06 -24.49 31.53
CA THR A 373 7.51 -25.82 31.75
C THR A 373 8.31 -26.85 30.94
N ASN A 374 7.82 -28.08 30.89
CA ASN A 374 8.47 -29.09 30.06
C ASN A 374 8.14 -28.91 28.58
N ASP A 375 6.91 -28.48 28.28
CA ASP A 375 6.54 -28.21 26.90
C ASP A 375 7.23 -26.96 26.36
N GLU A 376 7.21 -25.89 27.14
CA GLU A 376 7.83 -24.64 26.70
C GLU A 376 9.33 -24.82 26.49
N LYS A 377 10.00 -25.49 27.43
CA LYS A 377 11.44 -25.71 27.29
C LYS A 377 11.75 -26.53 26.06
N LYS A 378 10.91 -27.53 25.77
CA LYS A 378 11.11 -28.35 24.57
C LYS A 378 10.94 -27.51 23.31
N ASP A 379 9.92 -26.65 23.26
CA ASP A 379 9.74 -25.81 22.09
C ASP A 379 10.91 -24.85 21.90
N TYR A 380 11.38 -24.24 23.00
CA TYR A 380 12.51 -23.33 22.90
C TYR A 380 13.77 -24.06 22.45
N GLU A 381 13.98 -25.27 22.93
CA GLU A 381 15.13 -26.05 22.48
C GLU A 381 15.00 -26.47 21.03
N GLU A 382 13.77 -26.68 20.55
CA GLU A 382 13.57 -26.93 19.13
C GLU A 382 13.98 -25.72 18.30
N LEU A 383 13.58 -24.53 18.74
CA LEU A 383 13.93 -23.32 17.99
C LEU A 383 15.42 -22.98 18.11
N SER A 384 16.06 -23.34 19.22
CA SER A 384 17.46 -22.97 19.41
C SER A 384 18.37 -23.68 18.42
N LYS A 385 18.01 -24.87 17.96
CA LYS A 385 18.81 -25.57 16.96
C LYS A 385 18.56 -25.04 15.55
N VAL A 386 17.54 -24.23 15.35
CA VAL A 386 17.18 -23.70 14.05
C VAL A 386 17.73 -22.29 13.92
N VAL A 387 18.14 -21.94 12.71
CA VAL A 387 18.52 -20.56 12.40
C VAL A 387 17.26 -19.71 12.40
N THR A 388 17.10 -18.87 13.42
CA THR A 388 15.91 -18.03 13.55
C THR A 388 16.36 -16.60 13.76
N PHE A 389 15.40 -15.68 13.64
CA PHE A 389 15.67 -14.26 13.80
C PHE A 389 14.50 -13.59 14.50
N CYS A 390 14.80 -12.49 15.21
CA CYS A 390 13.81 -11.61 15.81
C CYS A 390 12.91 -12.34 16.79
N PRO A 391 13.39 -12.64 18.00
CA PRO A 391 12.56 -13.39 18.96
C PRO A 391 11.39 -12.58 19.46
N PHE A 392 10.56 -12.11 18.54
CA PHE A 392 9.31 -11.46 18.88
C PHE A 392 8.36 -12.51 19.45
N GLU A 393 8.17 -12.48 20.76
CA GLU A 393 7.38 -13.49 21.46
C GLU A 393 6.05 -12.86 21.85
N ASN A 394 5.05 -13.03 20.98
CA ASN A 394 3.78 -12.32 21.17
C ASN A 394 3.11 -12.69 22.48
N GLN A 395 3.29 -13.93 22.93
CA GLN A 395 2.59 -14.38 24.12
C GLN A 395 3.18 -13.74 25.37
N LEU A 396 4.52 -13.60 25.41
CA LEU A 396 5.16 -12.90 26.52
C LEU A 396 5.01 -11.39 26.41
N LEU A 397 4.97 -10.86 25.19
CA LEU A 397 4.93 -9.41 25.01
C LEU A 397 3.66 -8.81 25.58
N PHE A 398 2.55 -9.54 25.50
CA PHE A 398 1.29 -9.03 26.05
C PHE A 398 1.36 -8.83 27.56
N ALA A 399 2.35 -9.43 28.22
CA ALA A 399 2.51 -9.24 29.66
C ALA A 399 2.88 -7.80 30.00
N ARG A 400 3.50 -7.07 29.07
CA ARG A 400 3.80 -5.67 29.32
C ARG A 400 2.53 -4.85 29.42
N TYR A 401 1.48 -5.25 28.72
CA TYR A 401 0.20 -4.56 28.80
C TYR A 401 -0.65 -5.12 29.94
N ASN A 402 -0.95 -6.41 29.88
CA ASN A 402 -1.70 -7.08 30.94
C ASN A 402 -0.74 -7.36 32.10
N LYS A 403 -0.85 -6.59 33.18
CA LYS A 403 0.04 -6.76 34.31
C LYS A 403 -0.30 -7.97 35.18
N MET A 404 -1.47 -8.58 34.97
CA MET A 404 -1.86 -9.77 35.70
C MET A 404 -1.67 -11.04 34.88
N SER A 405 -0.98 -10.95 33.75
CA SER A 405 -0.73 -12.12 32.93
C SER A 405 0.17 -13.11 33.65
N LYS A 406 0.00 -14.40 33.33
CA LYS A 406 0.82 -15.43 33.94
C LYS A 406 2.23 -15.45 33.39
N PHE A 407 2.51 -14.68 32.34
CA PHE A 407 3.84 -14.58 31.76
C PHE A 407 4.52 -13.26 32.12
N CYS A 408 4.05 -12.59 33.16
CA CYS A 408 4.58 -11.27 33.50
C CYS A 408 6.04 -11.34 33.92
N LYS A 409 6.42 -12.37 34.67
CA LYS A 409 7.81 -12.50 35.08
C LYS A 409 8.70 -13.07 33.98
N LYS A 410 8.16 -13.94 33.12
CA LYS A 410 8.93 -14.41 31.97
C LYS A 410 9.27 -13.26 31.04
N GLU A 411 8.32 -12.35 30.82
CA GLU A 411 8.58 -11.20 29.97
C GLU A 411 9.66 -10.31 30.57
N GLN A 412 9.63 -10.10 31.89
CA GLN A 412 10.65 -9.27 32.53
C GLN A 412 12.04 -9.89 32.39
N VAL A 413 12.16 -11.20 32.60
CA VAL A 413 13.46 -11.86 32.47
C VAL A 413 13.93 -11.84 31.02
N LEU A 414 13.02 -12.10 30.08
CA LEU A 414 13.37 -12.00 28.67
C LEU A 414 13.90 -10.63 28.32
N SER A 415 13.19 -9.58 28.74
CA SER A 415 13.60 -8.22 28.44
C SER A 415 14.94 -7.90 29.08
N LYS A 416 15.13 -8.27 30.35
CA LYS A 416 16.38 -7.97 31.03
C LYS A 416 17.56 -8.68 30.36
N LEU A 417 17.39 -9.95 30.00
CA LEU A 417 18.46 -10.67 29.33
C LEU A 417 18.74 -10.11 27.94
N LEU A 418 17.70 -9.75 27.19
CA LEU A 418 17.92 -9.22 25.85
C LEU A 418 18.65 -7.88 25.92
N TYR A 419 18.25 -7.01 26.85
CA TYR A 419 18.93 -5.72 26.99
C TYR A 419 20.35 -5.89 27.53
N ALA A 420 20.58 -6.91 28.37
CA ALA A 420 21.95 -7.21 28.79
C ALA A 420 22.80 -7.63 27.60
N LEU A 421 22.26 -8.46 26.72
CA LEU A 421 22.98 -8.83 25.51
C LEU A 421 23.24 -7.61 24.63
N GLN A 422 22.27 -6.69 24.58
CA GLN A 422 22.47 -5.47 23.80
C GLN A 422 23.63 -4.65 24.36
N LYS A 423 23.69 -4.51 25.69
CA LYS A 423 24.81 -3.80 26.30
C LYS A 423 26.13 -4.50 26.04
N GLN A 424 26.14 -5.83 26.13
CA GLN A 424 27.37 -6.58 25.87
C GLN A 424 27.84 -6.40 24.44
N LEU A 425 26.92 -6.46 23.47
CA LEU A 425 27.28 -6.28 22.08
C LEU A 425 27.80 -4.88 21.81
N LYS A 426 27.20 -3.88 22.46
CA LYS A 426 27.72 -2.53 22.34
C LYS A 426 29.13 -2.42 22.91
N ASP A 427 29.38 -3.10 24.02
CA ASP A 427 30.72 -3.05 24.62
C ASP A 427 31.76 -3.71 23.73
N GLU A 428 31.45 -4.87 23.14
CA GLU A 428 32.44 -5.62 22.38
C GLU A 428 32.61 -5.13 20.96
N ASN A 429 31.96 -4.03 20.58
CA ASN A 429 32.09 -3.43 19.25
C ASN A 429 31.69 -4.40 18.14
N ARG A 430 30.60 -5.14 18.37
CA ARG A 430 30.00 -5.99 17.34
C ARG A 430 28.77 -5.27 16.79
N THR A 431 29.02 -4.38 15.82
CA THR A 431 28.03 -3.38 15.44
C THR A 431 26.80 -4.00 14.78
N LYS A 432 26.99 -4.95 13.86
CA LYS A 432 25.86 -5.48 13.12
C LYS A 432 24.87 -6.20 14.03
N GLU A 433 25.38 -7.14 14.83
CA GLU A 433 24.56 -7.83 15.81
C GLU A 433 23.99 -6.87 16.84
N TYR A 434 24.74 -5.81 17.19
CA TYR A 434 24.25 -4.85 18.17
C TYR A 434 23.04 -4.10 17.64
N ILE A 435 23.10 -3.62 16.41
CA ILE A 435 21.95 -2.94 15.82
C ILE A 435 20.79 -3.90 15.67
N TYR A 436 21.06 -5.15 15.33
CA TYR A 436 20.02 -6.15 15.25
C TYR A 436 19.26 -6.28 16.58
N VAL A 437 19.99 -6.47 17.68
CA VAL A 437 19.36 -6.66 18.97
C VAL A 437 18.65 -5.39 19.43
N SER A 438 19.26 -4.22 19.20
CA SER A 438 18.60 -2.97 19.54
C SER A 438 17.29 -2.82 18.80
N CYS A 439 17.27 -3.16 17.52
CA CYS A 439 16.04 -3.03 16.74
C CYS A 439 15.00 -4.05 17.16
N VAL A 440 15.43 -5.24 17.59
CA VAL A 440 14.48 -6.22 18.11
C VAL A 440 13.80 -5.71 19.37
N ASN A 441 14.61 -5.24 20.33
CA ASN A 441 14.08 -4.69 21.57
C ASN A 441 13.16 -3.52 21.29
N LYS A 442 13.60 -2.60 20.44
CA LYS A 442 12.81 -1.42 20.12
C LYS A 442 11.54 -1.79 19.37
N LEU A 443 11.59 -2.82 18.53
CA LEU A 443 10.41 -3.28 17.82
C LEU A 443 9.37 -3.79 18.79
N ARG A 444 9.78 -4.59 19.78
CA ARG A 444 8.84 -5.06 20.78
C ARG A 444 8.22 -3.90 21.56
N ALA A 445 9.06 -3.01 22.06
CA ALA A 445 8.56 -1.85 22.81
C ALA A 445 7.64 -1.00 21.95
N LYS A 446 8.02 -0.75 20.71
CA LYS A 446 7.26 0.12 19.82
C LYS A 446 5.93 -0.52 19.42
N TYR A 447 5.88 -1.83 19.29
CA TYR A 447 4.60 -2.47 19.01
C TYR A 447 3.67 -2.36 20.21
N VAL A 448 4.21 -2.50 21.43
CA VAL A 448 3.36 -2.28 22.60
C VAL A 448 2.84 -0.85 22.61
N SER A 449 3.70 0.12 22.29
CA SER A 449 3.28 1.52 22.23
C SER A 449 2.20 1.73 21.16
N TYR A 450 2.38 1.10 19.99
CA TYR A 450 1.40 1.23 18.92
C TYR A 450 0.06 0.65 19.32
N PHE A 451 0.07 -0.48 20.02
CA PHE A 451 -1.17 -1.06 20.50
C PHE A 451 -1.85 -0.13 21.50
N ILE A 452 -1.08 0.46 22.43
CA ILE A 452 -1.66 1.38 23.40
C ILE A 452 -2.27 2.59 22.70
N LEU A 453 -1.55 3.14 21.73
CA LEU A 453 -2.02 4.32 21.01
C LEU A 453 -3.27 4.02 20.19
N LYS A 454 -3.31 2.85 19.54
CA LYS A 454 -4.47 2.46 18.75
C LYS A 454 -5.69 2.23 19.64
N GLU A 455 -5.49 1.61 20.80
CA GLU A 455 -6.61 1.42 21.72
C GLU A 455 -7.12 2.75 22.25
N LYS A 456 -6.21 3.68 22.53
CA LYS A 456 -6.65 5.01 22.96
C LYS A 456 -7.42 5.71 21.85
N TYR A 457 -7.00 5.50 20.59
CA TYR A 457 -7.75 6.07 19.47
C TYR A 457 -9.17 5.51 19.42
N TYR A 458 -9.31 4.19 19.61
CA TYR A 458 -10.65 3.60 19.62
C TYR A 458 -11.50 4.14 20.77
N GLU A 459 -10.91 4.22 21.96
CA GLU A 459 -11.64 4.75 23.12
C GLU A 459 -12.08 6.18 22.88
N LYS A 460 -11.19 7.02 22.34
CA LYS A 460 -11.52 8.41 22.12
C LYS A 460 -12.59 8.57 21.05
N GLN A 461 -12.53 7.76 20.01
CA GLN A 461 -13.57 7.80 18.99
C GLN A 461 -14.92 7.39 19.57
N LYS A 462 -14.94 6.33 20.38
CA LYS A 462 -16.18 5.89 21.00
C LYS A 462 -16.75 6.97 21.90
N GLU A 463 -15.90 7.58 22.72
CA GLU A 463 -16.38 8.62 23.63
C GLU A 463 -16.90 9.83 22.87
N TYR A 464 -16.20 10.22 21.80
CA TYR A 464 -16.65 11.36 21.01
C TYR A 464 -17.99 11.07 20.32
N ASP A 465 -18.14 9.88 19.76
CA ASP A 465 -19.36 9.55 19.03
C ASP A 465 -20.51 9.16 19.95
N ILE A 466 -20.27 8.95 21.23
CA ILE A 466 -21.37 8.81 22.19
C ILE A 466 -21.76 10.15 22.78
N GLU A 467 -20.79 11.02 23.08
CA GLU A 467 -21.14 12.35 23.56
C GLU A 467 -21.76 13.19 22.47
N MET A 468 -21.39 12.95 21.21
CA MET A 468 -21.99 13.66 20.09
C MET A 468 -23.47 13.31 19.96
N GLY A 469 -23.80 12.02 20.07
CA GLY A 469 -25.20 11.61 20.05
C GLY A 469 -25.86 11.76 18.70
N PHE A 470 -25.42 10.98 17.72
CA PHE A 470 -26.06 11.00 16.41
C PHE A 470 -27.46 10.42 16.49
N VAL A 471 -28.41 11.08 15.83
CA VAL A 471 -29.77 10.60 15.71
C VAL A 471 -30.16 10.64 14.23
N ASP A 472 -30.53 9.49 13.69
CA ASP A 472 -30.85 9.37 12.28
C ASP A 472 -32.34 9.04 12.12
N ASP A 473 -33.05 9.88 11.37
CA ASP A 473 -34.44 9.60 11.06
C ASP A 473 -34.56 8.34 10.19
N SER A 474 -33.67 8.19 9.22
CA SER A 474 -33.64 7.02 8.35
C SER A 474 -32.20 6.72 7.99
N THR A 475 -31.77 5.49 8.23
CA THR A 475 -30.40 5.07 7.98
C THR A 475 -30.20 4.41 6.62
N GLU A 476 -31.23 4.42 5.77
CA GLU A 476 -31.14 3.70 4.50
C GLU A 476 -30.16 4.35 3.54
N SER A 477 -29.92 5.64 3.67
CA SER A 477 -29.02 6.33 2.75
C SER A 477 -28.46 7.57 3.43
N LYS A 478 -27.39 8.12 2.84
CA LYS A 478 -26.65 9.21 3.47
C LYS A 478 -27.52 10.45 3.65
N GLU A 479 -28.34 10.77 2.65
CA GLU A 479 -29.14 12.00 2.69
C GLU A 479 -30.21 11.97 3.78
N SER A 480 -30.48 10.82 4.39
CA SER A 480 -31.51 10.71 5.41
C SER A 480 -30.96 10.63 6.83
N MET A 481 -29.64 10.53 6.99
CA MET A 481 -29.03 10.40 8.30
C MET A 481 -28.71 11.78 8.88
N ASP A 482 -28.03 11.81 10.02
CA ASP A 482 -27.70 13.07 10.66
C ASP A 482 -26.55 13.76 9.93
N LYS A 483 -26.62 15.08 9.85
CA LYS A 483 -25.65 15.83 9.07
C LYS A 483 -24.28 15.87 9.73
N ARG A 484 -24.22 15.75 11.06
CA ARG A 484 -22.94 15.83 11.75
C ARG A 484 -22.06 14.63 11.46
N ARG A 485 -22.61 13.54 10.91
CA ARG A 485 -21.77 12.44 10.44
C ARG A 485 -20.68 12.94 9.51
N THR A 486 -20.99 13.91 8.65
CA THR A 486 -20.02 14.40 7.68
C THR A 486 -19.48 15.78 8.02
N GLU A 487 -20.26 16.63 8.71
CA GLU A 487 -19.78 17.95 9.06
C GLU A 487 -18.65 17.88 10.08
N PHE A 488 -18.85 17.14 11.17
CA PHE A 488 -17.89 17.07 12.27
C PHE A 488 -17.54 15.61 12.55
N PRO A 489 -16.64 15.04 11.76
CA PRO A 489 -16.15 13.68 12.03
C PRO A 489 -15.19 13.71 13.21
N PHE A 490 -14.84 12.51 13.69
CA PHE A 490 -13.80 12.39 14.69
C PHE A 490 -12.42 12.63 14.08
N ARG A 491 -12.28 12.45 12.77
CA ARG A 491 -11.00 12.70 12.13
C ARG A 491 -10.61 14.17 12.21
N ASN A 492 -11.58 15.06 12.24
CA ASN A 492 -11.32 16.50 12.27
C ASN A 492 -11.21 17.07 13.67
N THR A 493 -11.51 16.27 14.70
CA THR A 493 -11.34 16.71 16.06
C THR A 493 -9.84 16.89 16.38
N PRO A 494 -9.48 17.88 17.18
CA PRO A 494 -8.07 18.02 17.59
C PRO A 494 -7.50 16.79 18.26
N VAL A 495 -8.33 16.03 18.99
CA VAL A 495 -7.84 14.87 19.73
C VAL A 495 -7.27 13.82 18.79
N ALA A 496 -7.94 13.57 17.66
CA ALA A 496 -7.50 12.51 16.75
C ALA A 496 -6.17 12.84 16.10
N ASN A 497 -6.02 14.08 15.62
CA ASN A 497 -4.79 14.45 14.92
C ASN A 497 -3.56 14.20 15.78
N GLU A 498 -3.66 14.47 17.08
CA GLU A 498 -2.57 14.17 17.99
C GLU A 498 -2.30 12.68 18.05
N LEU A 499 -3.36 11.88 18.24
CA LEU A 499 -3.19 10.44 18.32
C LEU A 499 -2.72 9.86 16.99
N LEU A 500 -3.24 10.36 15.88
CA LEU A 500 -2.80 9.87 14.58
C LEU A 500 -1.35 10.23 14.30
N SER A 501 -0.91 11.42 14.72
CA SER A 501 0.48 11.79 14.57
C SER A 501 1.39 10.88 15.39
N LYS A 502 0.99 10.60 16.63
CA LYS A 502 1.78 9.69 17.47
C LYS A 502 1.83 8.30 16.87
N LEU A 503 0.69 7.83 16.34
CA LEU A 503 0.66 6.53 15.68
C LEU A 503 1.57 6.49 14.46
N ASN A 504 1.59 7.57 13.69
CA ASN A 504 2.47 7.65 12.53
C ASN A 504 3.93 7.60 12.95
N ASN A 505 4.29 8.30 14.02
CA ASN A 505 5.67 8.27 14.51
C ASN A 505 6.05 6.86 14.95
N VAL A 506 5.17 6.19 15.69
CA VAL A 506 5.48 4.84 16.16
C VAL A 506 5.58 3.87 14.98
N GLN A 507 4.69 4.00 13.99
CA GLN A 507 4.75 3.13 12.83
C GLN A 507 6.02 3.37 12.04
N GLN A 508 6.48 4.61 11.99
CA GLN A 508 7.76 4.93 11.35
C GLN A 508 8.91 4.23 12.05
N ASP A 509 8.93 4.27 13.38
CA ASP A 509 9.97 3.55 14.11
C ASP A 509 9.89 2.05 13.87
N ILE A 510 8.67 1.50 13.85
CA ILE A 510 8.49 0.07 13.62
C ILE A 510 9.01 -0.32 12.25
N ASN A 511 8.67 0.47 11.23
CA ASN A 511 9.12 0.21 9.87
C ASN A 511 10.64 0.24 9.79
N GLY A 512 11.26 1.22 10.43
CA GLY A 512 12.72 1.28 10.41
C GLY A 512 13.37 0.09 11.08
N CYS A 513 12.86 -0.30 12.26
CA CYS A 513 13.45 -1.43 12.95
C CYS A 513 13.29 -2.73 12.18
N LEU A 514 12.12 -2.94 11.56
CA LEU A 514 11.93 -4.12 10.73
C LEU A 514 12.85 -4.11 9.52
N LYS A 515 13.04 -2.94 8.90
CA LYS A 515 14.00 -2.84 7.81
C LYS A 515 15.40 -3.22 8.27
N ASN A 516 15.79 -2.77 9.46
CA ASN A 516 17.12 -3.12 9.98
C ASN A 516 17.25 -4.62 10.19
N ILE A 517 16.22 -5.26 10.76
CA ILE A 517 16.27 -6.70 10.98
C ILE A 517 16.36 -7.45 9.66
N ILE A 518 15.56 -7.03 8.67
CA ILE A 518 15.57 -7.66 7.36
C ILE A 518 16.93 -7.51 6.70
N ASN A 519 17.51 -6.32 6.79
CA ASN A 519 18.86 -6.11 6.25
C ASN A 519 19.87 -7.01 6.94
N TYR A 520 19.74 -7.17 8.26
CA TYR A 520 20.64 -8.05 9.00
C TYR A 520 20.56 -9.49 8.48
N ILE A 521 19.33 -10.00 8.31
CA ILE A 521 19.14 -11.36 7.81
C ILE A 521 19.74 -11.51 6.42
N TYR A 522 19.40 -10.57 5.54
CA TYR A 522 19.86 -10.64 4.16
C TYR A 522 21.38 -10.59 4.09
N LYS A 523 22.02 -9.73 4.87
CA LYS A 523 23.46 -9.62 4.80
C LYS A 523 24.18 -10.79 5.47
N ILE A 524 23.58 -11.44 6.46
CA ILE A 524 24.18 -12.68 6.94
C ILE A 524 24.14 -13.75 5.86
N PHE A 525 22.99 -13.93 5.23
CA PHE A 525 22.91 -14.97 4.22
C PHE A 525 23.75 -14.64 2.99
N GLU A 526 23.92 -13.36 2.70
CA GLU A 526 24.76 -12.94 1.57
C GLU A 526 26.24 -13.14 1.89
N GLN A 527 26.67 -12.72 3.07
CA GLN A 527 28.08 -12.78 3.44
C GLN A 527 28.54 -14.17 3.84
N ASN A 528 27.73 -15.19 3.62
CA ASN A 528 28.07 -16.56 3.98
C ASN A 528 28.06 -17.51 2.79
N GLY A 529 27.68 -17.03 1.60
CA GLY A 529 27.70 -17.82 0.40
C GLY A 529 26.34 -18.15 -0.17
N TYR A 530 25.27 -17.96 0.58
CA TYR A 530 23.94 -18.34 0.11
C TYR A 530 23.55 -17.47 -1.08
N LYS A 531 23.38 -18.09 -2.24
CA LYS A 531 23.13 -17.37 -3.48
C LYS A 531 21.67 -17.21 -3.81
N ILE A 532 20.78 -17.91 -3.11
CA ILE A 532 19.35 -17.65 -3.16
C ILE A 532 18.79 -17.75 -1.74
N VAL A 533 17.94 -16.79 -1.37
CA VAL A 533 17.14 -16.93 -0.16
C VAL A 533 15.69 -17.08 -0.58
N ALA A 534 15.24 -18.32 -0.75
CA ALA A 534 13.88 -18.60 -1.21
C ALA A 534 12.91 -18.31 -0.07
N LEU A 535 12.27 -17.15 -0.10
CA LEU A 535 11.31 -16.77 0.92
C LEU A 535 10.06 -17.61 0.76
N GLU A 536 9.94 -18.66 1.56
CA GLU A 536 8.80 -19.57 1.49
C GLU A 536 7.49 -18.87 1.80
N ASN A 537 6.64 -18.73 0.79
CA ASN A 537 5.35 -18.07 0.96
C ASN A 537 4.41 -18.90 1.84
N PHE A 543 -0.89 -17.42 9.61
CA PHE A 543 -2.04 -16.51 9.64
C PHE A 543 -3.23 -17.16 10.33
N GLU A 544 -3.18 -17.24 11.65
CA GLU A 544 -4.24 -17.85 12.44
C GLU A 544 -4.87 -16.74 13.30
N LYS A 545 -5.84 -16.04 12.73
CA LYS A 545 -6.47 -14.91 13.40
C LYS A 545 -7.26 -15.38 14.61
N LYS A 546 -6.84 -14.97 15.79
CA LYS A 546 -7.64 -15.21 16.99
C LYS A 546 -8.96 -14.46 16.87
N GLN A 547 -10.01 -15.04 17.43
CA GLN A 547 -11.35 -14.51 17.28
C GLN A 547 -11.72 -13.68 18.50
N VAL A 548 -12.13 -12.43 18.26
CA VAL A 548 -12.50 -11.55 19.34
C VAL A 548 -13.90 -11.92 19.84
N LEU A 549 -14.10 -11.82 21.15
CA LEU A 549 -15.39 -12.14 21.71
C LEU A 549 -16.47 -11.24 21.09
N PRO A 550 -17.64 -11.79 20.77
CA PRO A 550 -18.70 -10.96 20.19
C PRO A 550 -19.10 -9.85 21.15
N THR A 551 -19.34 -8.66 20.59
CA THR A 551 -19.53 -7.48 21.39
C THR A 551 -20.86 -7.55 22.15
N ILE A 552 -21.03 -6.63 23.09
CA ILE A 552 -22.24 -6.61 23.91
C ILE A 552 -23.45 -6.31 23.04
N LYS A 553 -23.34 -5.34 22.12
CA LYS A 553 -24.42 -5.08 21.20
C LYS A 553 -24.69 -6.29 20.32
N SER A 554 -23.63 -6.96 19.89
CA SER A 554 -23.81 -8.24 19.21
C SER A 554 -24.39 -9.28 20.16
N LEU A 555 -24.05 -9.22 21.45
CA LEU A 555 -24.58 -10.19 22.39
C LEU A 555 -26.07 -9.99 22.62
N LEU A 556 -26.56 -8.75 22.54
CA LEU A 556 -27.96 -8.47 22.80
C LEU A 556 -28.79 -8.46 21.52
N LYS A 557 -28.45 -7.59 20.58
CA LYS A 557 -29.27 -7.38 19.39
C LYS A 557 -29.00 -8.40 18.29
N TYR A 558 -27.95 -9.20 18.40
CA TYR A 558 -27.60 -10.17 17.37
C TYR A 558 -27.70 -11.60 17.87
N HIS A 559 -27.06 -11.93 18.99
CA HIS A 559 -27.16 -13.26 19.57
C HIS A 559 -28.40 -13.43 20.44
N LYS A 560 -29.21 -12.38 20.55
CA LYS A 560 -30.53 -12.44 21.21
C LYS A 560 -30.43 -12.84 22.67
N LEU A 561 -29.40 -12.35 23.36
CA LEU A 561 -29.32 -12.46 24.82
C LEU A 561 -29.92 -11.23 25.50
N GLU A 562 -31.14 -10.87 25.12
CA GLU A 562 -31.89 -9.81 25.76
C GLU A 562 -33.31 -10.29 25.99
N ASN A 563 -33.79 -10.16 27.23
CA ASN A 563 -35.07 -10.68 27.69
C ASN A 563 -35.13 -12.19 27.67
N GLN A 564 -34.04 -12.87 27.31
CA GLN A 564 -33.94 -14.31 27.40
C GLN A 564 -33.71 -14.73 28.84
N ASN A 565 -34.26 -15.90 29.20
CA ASN A 565 -34.11 -16.41 30.56
C ASN A 565 -32.64 -16.70 30.87
N VAL A 566 -32.19 -16.29 32.05
CA VAL A 566 -30.80 -16.49 32.43
C VAL A 566 -30.52 -17.97 32.70
N ASN A 567 -31.51 -18.71 33.20
CA ASN A 567 -31.28 -20.12 33.54
C ASN A 567 -31.14 -20.96 32.27
N ASP A 568 -31.98 -20.73 31.27
CA ASP A 568 -31.93 -21.46 30.02
C ASP A 568 -31.68 -20.46 28.89
N ILE A 569 -30.48 -20.51 28.33
CA ILE A 569 -30.05 -19.57 27.30
C ILE A 569 -30.09 -20.27 25.96
N LYS A 570 -30.97 -19.80 25.08
CA LYS A 570 -31.10 -20.35 23.73
C LYS A 570 -30.17 -19.54 22.81
N ALA A 571 -28.96 -20.05 22.60
CA ALA A 571 -27.97 -19.37 21.79
C ALA A 571 -27.05 -20.42 21.18
N SER A 572 -26.26 -19.99 20.20
CA SER A 572 -25.29 -20.88 19.59
C SER A 572 -24.27 -21.36 20.63
N ASP A 573 -23.77 -22.57 20.43
CA ASP A 573 -22.98 -23.23 21.47
C ASP A 573 -21.71 -22.45 21.80
N LYS A 574 -21.17 -21.70 20.83
CA LYS A 574 -20.01 -20.86 21.10
C LYS A 574 -20.32 -19.82 22.17
N VAL A 575 -21.50 -19.22 22.08
CA VAL A 575 -21.93 -18.26 23.11
C VAL A 575 -22.06 -18.96 24.45
N LYS A 576 -22.55 -20.20 24.46
CA LYS A 576 -22.65 -20.94 25.71
C LYS A 576 -21.27 -21.16 26.33
N GLU A 577 -20.28 -21.55 25.52
CA GLU A 577 -18.94 -21.73 26.03
C GLU A 577 -18.38 -20.42 26.57
N TYR A 578 -18.66 -19.30 25.88
CA TYR A 578 -18.18 -18.01 26.36
C TYR A 578 -18.83 -17.62 27.68
N ILE A 579 -20.13 -17.88 27.83
CA ILE A 579 -20.83 -17.54 29.07
C ILE A 579 -20.33 -18.42 30.22
N GLU A 580 -20.00 -19.69 29.93
CA GLU A 580 -19.44 -20.55 30.97
C GLU A 580 -18.11 -20.01 31.48
N ASN A 581 -17.29 -19.47 30.59
CA ASN A 581 -16.17 -18.65 31.02
C ASN A 581 -16.69 -17.33 31.59
N GLY A 582 -15.91 -16.75 32.49
CA GLY A 582 -16.38 -15.55 33.17
C GLY A 582 -16.25 -14.28 32.36
N TYR A 583 -16.61 -14.34 31.08
CA TYR A 583 -16.38 -13.21 30.19
C TYR A 583 -17.43 -12.13 30.33
N TYR A 584 -18.71 -12.50 30.28
CA TYR A 584 -19.80 -11.53 30.30
C TYR A 584 -20.49 -11.52 31.66
N GLU A 585 -20.68 -10.32 32.21
CA GLU A 585 -21.50 -10.11 33.39
C GLU A 585 -22.85 -9.59 32.94
N LEU A 586 -23.92 -10.27 33.33
CA LEU A 586 -25.26 -9.93 32.89
C LEU A 586 -26.01 -9.17 33.99
N ILE A 587 -26.76 -8.16 33.59
CA ILE A 587 -27.55 -7.35 34.52
C ILE A 587 -28.99 -7.81 34.43
N THR A 588 -29.55 -8.21 35.58
CA THR A 588 -30.89 -8.79 35.61
C THR A 588 -31.94 -7.73 35.91
N ASN A 589 -33.20 -8.15 35.86
CA ASN A 589 -34.33 -7.26 36.09
C ASN A 589 -35.28 -7.86 37.12
N GLU A 590 -36.48 -7.28 37.24
CA GLU A 590 -37.49 -7.83 38.14
C GLU A 590 -37.77 -9.30 37.84
N ASN A 591 -37.67 -9.70 36.57
CA ASN A 591 -37.91 -11.08 36.16
C ASN A 591 -36.65 -11.92 36.15
N ASN A 592 -35.52 -11.38 36.63
CA ASN A 592 -34.24 -12.08 36.63
C ASN A 592 -33.84 -12.51 35.21
N GLU A 593 -34.11 -11.65 34.24
CA GLU A 593 -33.68 -11.84 32.87
C GLU A 593 -32.79 -10.67 32.45
N ILE A 594 -32.17 -10.81 31.29
CA ILE A 594 -31.12 -9.89 30.87
C ILE A 594 -31.74 -8.66 30.22
N VAL A 595 -31.38 -7.49 30.74
CA VAL A 595 -31.68 -6.23 30.07
C VAL A 595 -30.42 -5.53 29.59
N ASP A 596 -29.24 -5.89 30.10
CA ASP A 596 -27.98 -5.34 29.63
C ASP A 596 -26.86 -6.25 30.10
N ALA A 597 -25.69 -6.08 29.50
CA ALA A 597 -24.52 -6.90 29.82
C ALA A 597 -23.27 -6.05 29.70
N LYS A 598 -22.18 -6.54 30.29
CA LYS A 598 -20.90 -5.86 30.24
C LYS A 598 -19.79 -6.90 30.14
N TYR A 599 -18.56 -6.42 29.95
CA TYR A 599 -17.38 -7.26 29.97
C TYR A 599 -16.84 -7.32 31.39
N THR A 600 -16.66 -8.53 31.91
CA THR A 600 -15.87 -8.66 33.11
C THR A 600 -14.40 -8.42 32.79
N GLU A 601 -13.56 -8.46 33.83
CA GLU A 601 -12.14 -8.26 33.61
C GLU A 601 -11.58 -9.32 32.67
N LYS A 602 -11.97 -10.57 32.90
CA LYS A 602 -11.44 -11.69 32.12
C LYS A 602 -11.80 -11.54 30.63
N GLY A 603 -13.06 -11.24 30.34
CA GLY A 603 -13.48 -11.07 28.96
C GLY A 603 -12.89 -9.83 28.31
N ALA A 604 -12.89 -8.71 29.04
CA ALA A 604 -12.34 -7.48 28.49
C ALA A 604 -10.85 -7.60 28.22
N MET A 605 -10.16 -8.49 28.93
CA MET A 605 -8.75 -8.73 28.62
C MET A 605 -8.55 -9.82 27.57
N LYS A 606 -9.49 -10.76 27.43
CA LYS A 606 -9.42 -11.70 26.33
C LYS A 606 -9.58 -10.97 25.00
N VAL A 607 -10.47 -9.97 24.96
CA VAL A 607 -10.63 -9.15 23.77
C VAL A 607 -9.31 -8.44 23.45
N LYS A 608 -8.66 -7.89 24.47
CA LYS A 608 -7.39 -7.22 24.25
C LYS A 608 -6.32 -8.19 23.77
N ASN A 609 -6.28 -9.41 24.30
CA ASN A 609 -5.29 -10.37 23.82
C ASN A 609 -5.50 -10.70 22.34
N ALA A 610 -6.76 -10.92 21.96
CA ALA A 610 -7.06 -11.21 20.56
C ALA A 610 -6.69 -10.05 19.66
N ASN A 611 -7.03 -8.81 20.06
CA ASN A 611 -6.67 -7.65 19.27
C ASN A 611 -5.16 -7.48 19.19
N PHE A 612 -4.46 -7.72 20.29
CA PHE A 612 -3.01 -7.60 20.31
C PHE A 612 -2.37 -8.57 19.34
N PHE A 613 -2.87 -9.81 19.28
CA PHE A 613 -2.31 -10.76 18.33
C PHE A 613 -2.69 -10.44 16.90
N ASN A 614 -3.92 -9.97 16.67
CA ASN A 614 -4.37 -9.73 15.31
C ASN A 614 -3.73 -8.48 14.71
N LEU A 615 -3.44 -7.47 15.52
CA LEU A 615 -2.97 -6.20 15.00
C LEU A 615 -1.54 -6.29 14.49
N MET A 616 -0.73 -7.19 15.05
CA MET A 616 0.62 -7.36 14.52
C MET A 616 0.61 -8.05 13.16
N MET A 617 -0.50 -8.72 12.81
CA MET A 617 -0.64 -9.22 11.45
C MET A 617 -0.71 -8.08 10.45
N LYS A 618 -1.49 -7.05 10.75
CA LYS A 618 -1.75 -5.96 9.83
C LYS A 618 -0.87 -4.75 10.06
N SER A 619 0.02 -4.79 11.05
CA SER A 619 0.83 -3.62 11.39
C SER A 619 2.32 -3.82 11.22
N LEU A 620 2.81 -5.05 11.17
CA LEU A 620 4.22 -5.32 11.00
C LEU A 620 4.59 -5.63 9.56
N HIS A 621 3.68 -5.39 8.62
CA HIS A 621 3.95 -5.47 7.19
C HIS A 621 4.59 -6.81 6.81
N PHE A 622 3.89 -7.89 7.14
CA PHE A 622 4.40 -9.23 6.85
C PHE A 622 4.11 -9.67 5.42
N ALA A 623 3.32 -8.91 4.66
CA ALA A 623 3.15 -9.12 3.24
C ALA A 623 4.02 -8.18 2.42
N SER A 624 4.91 -7.43 3.08
CA SER A 624 5.89 -6.58 2.42
C SER A 624 7.32 -7.02 2.70
N VAL A 625 7.50 -8.11 3.45
CA VAL A 625 8.84 -8.64 3.73
C VAL A 625 9.52 -9.07 2.44
N LYS A 626 8.77 -9.79 1.58
CA LYS A 626 9.29 -10.19 0.28
C LYS A 626 9.73 -8.97 -0.52
N ASP A 627 8.99 -7.87 -0.43
CA ASP A 627 9.36 -6.66 -1.14
C ASP A 627 10.70 -6.12 -0.67
N GLU A 628 10.94 -6.12 0.64
CA GLU A 628 12.22 -5.64 1.17
C GLU A 628 13.36 -6.54 0.74
N PHE A 629 13.16 -7.86 0.75
CA PHE A 629 14.21 -8.75 0.24
C PHE A 629 14.45 -8.55 -1.26
N VAL A 630 13.40 -8.30 -2.04
CA VAL A 630 13.59 -8.01 -3.46
C VAL A 630 14.43 -6.76 -3.64
N LEU A 631 14.10 -5.71 -2.89
CA LEU A 631 14.84 -4.45 -3.00
C LEU A 631 16.29 -4.63 -2.59
N LEU A 632 16.54 -5.42 -1.53
CA LEU A 632 17.93 -5.70 -1.17
C LEU A 632 18.64 -6.58 -2.18
N SER A 633 17.89 -7.38 -2.94
CA SER A 633 18.47 -8.19 -4.01
C SER A 633 18.68 -7.39 -5.29
N ASN A 634 18.12 -6.18 -5.37
CA ASN A 634 18.40 -5.29 -6.49
C ASN A 634 19.84 -4.80 -6.52
N ASN A 635 20.57 -4.91 -5.41
CA ASN A 635 21.97 -4.47 -5.38
C ASN A 635 22.86 -5.43 -4.60
N GLY A 636 22.44 -6.68 -4.41
CA GLY A 636 23.16 -7.62 -3.58
C GLY A 636 23.53 -8.90 -4.32
N LYS A 637 24.44 -9.65 -3.72
CA LYS A 637 24.95 -10.88 -4.31
C LYS A 637 23.96 -12.02 -4.24
N THR A 638 22.88 -11.88 -3.48
CA THR A 638 21.88 -12.92 -3.33
C THR A 638 20.60 -12.54 -4.06
N GLN A 639 19.87 -13.57 -4.47
CA GLN A 639 18.60 -13.38 -5.17
C GLN A 639 17.47 -13.98 -4.34
N ILE A 640 16.28 -13.45 -4.51
CA ILE A 640 15.10 -13.89 -3.77
C ILE A 640 14.20 -14.62 -4.75
N ALA A 641 13.98 -15.91 -4.48
CA ALA A 641 13.11 -16.74 -5.31
C ALA A 641 11.79 -16.96 -4.59
N LEU A 642 10.70 -16.54 -5.21
CA LEU A 642 9.37 -16.70 -4.62
C LEU A 642 8.96 -18.17 -4.67
N VAL A 643 8.50 -18.69 -3.53
CA VAL A 643 8.14 -20.09 -3.43
C VAL A 643 6.64 -20.27 -3.65
MG MG E . 11.30 8.10 15.30
MG MG F . 20.50 9.27 11.35
MG MG G . 15.20 10.64 32.13
#